data_4DCN
#
_entry.id   4DCN
#
_cell.length_a   62.764
_cell.length_b   111.125
_cell.length_c   119.809
_cell.angle_alpha   90.000
_cell.angle_beta   90.000
_cell.angle_gamma   90.000
#
_symmetry.space_group_name_H-M   'P 21 21 21'
#
loop_
_entity.id
_entity.type
_entity.pdbx_description
1 polymer 'ADP-ribosylation factor-like protein 1'
2 polymer Arfaptin-2
3 non-polymer 'MAGNESIUM ION'
4 non-polymer 'PHOSPHOAMINOPHOSPHONIC ACID-GUANYLATE ESTER'
5 water water
#
loop_
_entity_poly.entity_id
_entity_poly.type
_entity_poly.pdbx_seq_one_letter_code
_entity_poly.pdbx_strand_id
1 'polypeptide(L)'
;GTREMRILILGLDGAGKTTILYRLQVGEVVTTIPTIGFNVETVTYKNLKFQVWDLGGLTSIRPYWRCYYSNTDAVIYVVD
SCDRDRIGISKSELVAMLEEEELRKAILVVFANKQDMEQAMTSSEMANSLGLPALKDRKWQIFKTSATKGTGLDEAMEWL
VETLKS
;
A,B
2 'polypeptide(L)'
;GSRTVDLELELQIELLRETKRKYESVLQLGRALTAHLYSLLQTQHALGDAFADLSQKSPELQEEFGYNAETQKLLCKNGE
TLLGAVNFFVSSINTLVTKTMEDTLMTVKQYEAARLEYDAYRTDLEELSLGPRDAGTRGRLESAQATFQAHRDKYEKLRG
DVAIKLKFLEENKIKVMHKQLLLFHNAVSAYFAGNQKQ
;
C,D
#
# COMPACT_ATOMS: atom_id res chain seq x y z
N THR A 2 -13.79 -31.28 10.95
CA THR A 2 -13.38 -29.84 10.86
C THR A 2 -11.87 -29.62 11.11
N ARG A 3 -11.21 -30.58 11.74
CA ARG A 3 -9.76 -30.49 12.01
C ARG A 3 -8.89 -30.81 10.80
N GLU A 4 -7.67 -30.27 10.80
CA GLU A 4 -6.73 -30.52 9.71
C GLU A 4 -6.20 -31.96 9.75
N MET A 5 -6.27 -32.63 8.59
CA MET A 5 -5.88 -34.04 8.47
C MET A 5 -4.52 -34.20 7.80
N ARG A 6 -3.79 -35.24 8.19
CA ARG A 6 -2.46 -35.52 7.66
C ARG A 6 -2.47 -36.70 6.69
N ILE A 7 -2.09 -36.43 5.44
CA ILE A 7 -2.11 -37.46 4.39
C ILE A 7 -0.70 -37.73 3.87
N LEU A 8 -0.38 -39.02 3.73
CA LEU A 8 0.88 -39.41 3.13
C LEU A 8 0.64 -40.10 1.80
N ILE A 9 1.24 -39.57 0.74
CA ILE A 9 1.23 -40.21 -0.56
C ILE A 9 2.43 -41.16 -0.59
N LEU A 10 2.15 -42.45 -0.77
CA LEU A 10 3.20 -43.47 -0.80
C LEU A 10 3.05 -44.39 -2.00
N GLY A 11 4.15 -45.07 -2.33
CA GLY A 11 4.21 -45.92 -3.52
C GLY A 11 5.59 -45.88 -4.15
N LEU A 12 5.80 -46.74 -5.15
CA LEU A 12 7.11 -46.87 -5.80
C LEU A 12 7.45 -45.64 -6.64
N ASP A 13 8.69 -45.57 -7.08
CA ASP A 13 9.16 -44.50 -7.96
C ASP A 13 8.40 -44.49 -9.29
N GLY A 14 8.18 -43.30 -9.84
CA GLY A 14 7.53 -43.12 -11.14
C GLY A 14 6.08 -43.56 -11.24
N ALA A 15 5.45 -43.82 -10.10
CA ALA A 15 4.03 -44.19 -10.05
C ALA A 15 3.10 -43.01 -10.35
N GLY A 16 3.55 -41.80 -10.01
CA GLY A 16 2.78 -40.58 -10.28
C GLY A 16 2.33 -39.85 -9.02
N LYS A 17 3.04 -40.07 -7.92
CA LYS A 17 2.70 -39.52 -6.61
C LYS A 17 2.69 -37.99 -6.57
N THR A 18 3.72 -37.37 -7.13
CA THR A 18 3.87 -35.92 -7.13
C THR A 18 2.91 -35.26 -8.12
N THR A 19 2.73 -35.87 -9.29
CA THR A 19 1.76 -35.39 -10.27
C THR A 19 0.37 -35.30 -9.63
N ILE A 20 -0.03 -36.38 -8.96
CA ILE A 20 -1.27 -36.42 -8.19
C ILE A 20 -1.36 -35.27 -7.16
N LEU A 21 -0.30 -35.12 -6.36
CA LEU A 21 -0.25 -34.09 -5.32
C LEU A 21 -0.68 -32.72 -5.85
N TYR A 22 0.05 -32.21 -6.83
CA TYR A 22 -0.21 -30.89 -7.39
C TYR A 22 -1.48 -30.83 -8.24
N ARG A 23 -1.92 -31.98 -8.75
CA ARG A 23 -3.21 -32.05 -9.42
C ARG A 23 -4.35 -31.90 -8.40
N LEU A 24 -4.08 -32.31 -7.16
CA LEU A 24 -5.05 -32.13 -6.07
C LEU A 24 -4.99 -30.71 -5.52
N GLN A 25 -3.82 -30.09 -5.63
CA GLN A 25 -3.62 -28.73 -5.14
C GLN A 25 -4.12 -27.69 -6.14
N VAL A 26 -3.57 -27.71 -7.35
CA VAL A 26 -3.86 -26.68 -8.36
C VAL A 26 -4.65 -27.18 -9.58
N GLY A 27 -5.00 -28.46 -9.58
CA GLY A 27 -5.82 -29.04 -10.66
C GLY A 27 -5.13 -29.08 -12.02
N GLU A 28 -3.80 -29.06 -12.00
CA GLU A 28 -3.02 -29.05 -13.24
C GLU A 28 -2.01 -30.18 -13.32
N VAL A 29 -1.51 -30.40 -14.54
CA VAL A 29 -0.41 -31.32 -14.79
C VAL A 29 0.89 -30.52 -14.78
N VAL A 30 1.79 -30.88 -13.88
CA VAL A 30 3.07 -30.17 -13.77
C VAL A 30 4.26 -31.05 -14.15
N THR A 31 5.34 -30.39 -14.55
CA THR A 31 6.58 -31.10 -14.85
C THR A 31 7.21 -31.53 -13.52
N THR A 32 7.61 -32.78 -13.44
CA THR A 32 8.12 -33.33 -12.19
C THR A 32 9.49 -34.00 -12.33
N ILE A 33 10.24 -33.98 -11.23
CA ILE A 33 11.50 -34.69 -11.10
C ILE A 33 11.36 -35.70 -9.95
N PRO A 34 12.30 -36.66 -9.84
CA PRO A 34 12.22 -37.59 -8.71
C PRO A 34 12.32 -36.86 -7.36
N THR A 35 11.41 -37.20 -6.45
CA THR A 35 11.39 -36.56 -5.13
C THR A 35 12.49 -37.13 -4.22
N ILE A 36 13.59 -36.40 -4.11
CA ILE A 36 14.68 -36.79 -3.21
C ILE A 36 14.30 -36.36 -1.80
N GLY A 37 13.37 -37.09 -1.20
CA GLY A 37 12.88 -36.78 0.15
C GLY A 37 11.37 -36.68 0.19
N PHE A 38 10.85 -35.48 0.41
CA PHE A 38 9.41 -35.28 0.45
C PHE A 38 8.95 -33.95 -0.14
N ASN A 39 7.67 -33.92 -0.52
CA ASN A 39 6.97 -32.71 -0.88
C ASN A 39 5.77 -32.54 0.04
N VAL A 40 5.44 -31.30 0.35
CA VAL A 40 4.38 -31.01 1.31
C VAL A 40 3.58 -29.76 0.91
N GLU A 41 2.27 -29.92 0.81
CA GLU A 41 1.36 -28.81 0.51
C GLU A 41 0.09 -28.92 1.33
N THR A 42 -0.43 -27.77 1.76
CA THR A 42 -1.76 -27.70 2.37
C THR A 42 -2.79 -27.64 1.23
N VAL A 43 -3.74 -28.57 1.26
CA VAL A 43 -4.71 -28.74 0.18
C VAL A 43 -6.12 -28.78 0.74
N THR A 44 -6.93 -27.80 0.34
CA THR A 44 -8.35 -27.77 0.69
C THR A 44 -9.16 -28.54 -0.36
N TYR A 45 -9.95 -29.49 0.11
CA TYR A 45 -10.93 -30.18 -0.73
C TYR A 45 -12.20 -30.44 0.07
N LYS A 46 -13.35 -30.16 -0.55
CA LYS A 46 -14.67 -30.18 0.14
C LYS A 46 -14.63 -29.49 1.51
N ASN A 47 -14.09 -28.27 1.52
CA ASN A 47 -13.95 -27.44 2.74
C ASN A 47 -13.17 -28.11 3.89
N LEU A 48 -12.47 -29.19 3.56
CA LEU A 48 -11.65 -29.91 4.52
C LEU A 48 -10.18 -29.63 4.22
N LYS A 49 -9.43 -29.21 5.26
CA LYS A 49 -8.01 -28.93 5.15
C LYS A 49 -7.20 -30.22 5.26
N PHE A 50 -6.17 -30.32 4.42
CA PHE A 50 -5.30 -31.49 4.43
C PHE A 50 -3.84 -31.09 4.38
N GLN A 51 -3.07 -31.60 5.33
CA GLN A 51 -1.62 -31.49 5.31
C GLN A 51 -1.10 -32.71 4.55
N VAL A 52 -0.78 -32.51 3.28
CA VAL A 52 -0.43 -33.63 2.39
C VAL A 52 1.08 -33.75 2.23
N TRP A 53 1.58 -34.97 2.40
CA TRP A 53 3.00 -35.27 2.31
C TRP A 53 3.26 -36.24 1.15
N ASP A 54 4.25 -35.91 0.33
CA ASP A 54 4.57 -36.67 -0.87
C ASP A 54 6.02 -37.18 -0.84
N LEU A 55 6.20 -38.41 -0.36
CA LEU A 55 7.51 -39.03 -0.22
C LEU A 55 7.95 -39.73 -1.51
N GLY A 56 9.25 -39.70 -1.78
CA GLY A 56 9.80 -40.31 -3.00
C GLY A 56 9.85 -41.82 -2.99
N GLY A 57 9.73 -42.42 -4.16
CA GLY A 57 9.61 -43.88 -4.28
C GLY A 57 10.90 -44.65 -4.51
N LEU A 58 12.02 -43.94 -4.67
CA LEU A 58 13.31 -44.58 -4.93
C LEU A 58 13.78 -45.41 -3.74
N THR A 59 14.28 -46.61 -4.02
CA THR A 59 14.75 -47.53 -3.00
C THR A 59 15.54 -46.81 -1.91
N SER A 60 16.39 -45.87 -2.33
CA SER A 60 17.20 -45.10 -1.40
C SER A 60 16.41 -44.58 -0.20
N ILE A 61 15.18 -44.10 -0.45
CA ILE A 61 14.41 -43.39 0.58
C ILE A 61 13.11 -44.10 1.00
N ARG A 62 12.95 -45.36 0.62
CA ARG A 62 11.76 -46.13 0.99
C ARG A 62 11.76 -46.61 2.44
N PRO A 63 12.93 -47.08 2.95
CA PRO A 63 12.95 -47.51 4.35
C PRO A 63 12.81 -46.35 5.35
N TYR A 64 12.86 -45.12 4.85
CA TYR A 64 12.74 -43.92 5.69
C TYR A 64 11.33 -43.32 5.71
N TRP A 65 10.43 -43.88 4.89
CA TRP A 65 9.01 -43.55 4.95
C TRP A 65 8.52 -43.56 6.38
N ARG A 66 8.78 -44.67 7.08
CA ARG A 66 8.32 -44.85 8.45
C ARG A 66 8.69 -43.71 9.42
N CYS A 67 9.72 -42.94 9.08
CA CYS A 67 10.10 -41.77 9.86
C CYS A 67 8.99 -40.73 9.97
N TYR A 68 8.14 -40.66 8.94
CA TYR A 68 7.10 -39.65 8.86
C TYR A 68 5.67 -40.19 9.06
N TYR A 69 5.56 -41.38 9.64
CA TYR A 69 4.25 -42.07 9.81
C TYR A 69 3.38 -41.50 10.94
N SER A 70 3.98 -40.71 11.82
CA SER A 70 3.29 -40.17 13.00
C SER A 70 2.11 -39.30 12.61
N ASN A 71 0.98 -39.53 13.28
CA ASN A 71 -0.20 -38.67 13.17
C ASN A 71 -0.87 -38.67 11.79
N THR A 72 -0.71 -39.77 11.08
CA THR A 72 -1.25 -39.93 9.73
C THR A 72 -2.70 -40.39 9.81
N ASP A 73 -3.57 -39.72 9.07
CA ASP A 73 -4.99 -40.06 9.08
C ASP A 73 -5.37 -41.03 7.95
N ALA A 74 -4.76 -40.83 6.79
CA ALA A 74 -4.98 -41.71 5.65
C ALA A 74 -3.69 -41.90 4.86
N VAL A 75 -3.56 -43.06 4.22
CA VAL A 75 -2.46 -43.29 3.29
C VAL A 75 -2.99 -43.52 1.88
N ILE A 76 -2.68 -42.58 1.00
CA ILE A 76 -2.91 -42.73 -0.43
C ILE A 76 -1.72 -43.51 -1.01
N TYR A 77 -1.97 -44.77 -1.37
CA TYR A 77 -0.92 -45.61 -1.94
C TYR A 77 -1.08 -45.70 -3.45
N VAL A 78 -0.16 -45.03 -4.16
CA VAL A 78 -0.17 -44.98 -5.62
C VAL A 78 0.61 -46.15 -6.19
N VAL A 79 -0.01 -46.85 -7.14
CA VAL A 79 0.66 -47.92 -7.87
C VAL A 79 0.49 -47.73 -9.37
N ASP A 80 1.61 -47.79 -10.09
CA ASP A 80 1.61 -47.76 -11.55
C ASP A 80 0.87 -48.98 -12.11
N SER A 81 -0.18 -48.72 -12.90
CA SER A 81 -0.96 -49.78 -13.51
C SER A 81 -0.23 -50.40 -14.69
N CYS A 82 0.56 -49.58 -15.40
CA CYS A 82 1.36 -50.04 -16.53
C CYS A 82 2.79 -50.37 -16.10
N ASP A 83 2.92 -51.12 -15.01
CA ASP A 83 4.23 -51.49 -14.46
C ASP A 83 4.18 -52.89 -13.88
N ARG A 84 3.75 -53.84 -14.72
CA ARG A 84 3.51 -55.22 -14.32
C ARG A 84 4.75 -55.96 -13.79
N ASP A 85 5.93 -55.43 -14.16
CA ASP A 85 7.21 -56.06 -13.77
C ASP A 85 7.68 -55.67 -12.36
N ARG A 86 6.91 -54.82 -11.67
CA ARG A 86 7.30 -54.31 -10.34
C ARG A 86 6.17 -54.32 -9.30
N ILE A 87 5.07 -54.99 -9.62
CA ILE A 87 3.92 -55.07 -8.72
C ILE A 87 4.20 -55.94 -7.48
N GLY A 88 5.11 -56.91 -7.64
CA GLY A 88 5.51 -57.77 -6.54
C GLY A 88 6.26 -56.98 -5.49
N ILE A 89 7.07 -56.04 -5.95
CA ILE A 89 7.80 -55.10 -5.09
C ILE A 89 6.80 -54.18 -4.40
N SER A 90 5.84 -53.69 -5.17
CA SER A 90 4.81 -52.77 -4.69
C SER A 90 3.97 -53.38 -3.56
N LYS A 91 3.79 -54.70 -3.62
CA LYS A 91 3.01 -55.42 -2.61
C LYS A 91 3.77 -55.51 -1.28
N SER A 92 4.98 -56.05 -1.32
CA SER A 92 5.78 -56.27 -0.10
C SER A 92 6.04 -54.98 0.68
N GLU A 93 6.22 -53.87 -0.04
CA GLU A 93 6.38 -52.56 0.59
C GLU A 93 5.07 -52.04 1.18
N LEU A 94 3.96 -52.33 0.51
CA LEU A 94 2.62 -52.02 1.04
C LEU A 94 2.35 -52.80 2.33
N VAL A 95 2.61 -54.10 2.30
CA VAL A 95 2.41 -54.98 3.45
C VAL A 95 3.31 -54.55 4.61
N ALA A 96 4.59 -54.32 4.31
CA ALA A 96 5.58 -53.92 5.32
C ALA A 96 5.20 -52.61 6.01
N MET A 97 4.47 -51.77 5.29
CA MET A 97 3.97 -50.51 5.84
C MET A 97 2.82 -50.75 6.80
N LEU A 98 1.81 -51.50 6.36
CA LEU A 98 0.60 -51.74 7.15
C LEU A 98 0.84 -52.55 8.43
N GLU A 99 2.06 -53.07 8.56
CA GLU A 99 2.48 -53.76 9.78
C GLU A 99 2.97 -52.78 10.85
N GLU A 100 3.09 -51.50 10.46
CA GLU A 100 3.51 -50.45 11.39
C GLU A 100 2.38 -50.05 12.33
N GLU A 101 2.74 -49.58 13.52
CA GLU A 101 1.76 -49.30 14.55
C GLU A 101 1.31 -47.85 14.65
N GLU A 102 2.08 -46.95 14.05
CA GLU A 102 1.70 -45.54 14.01
C GLU A 102 0.69 -45.25 12.90
N LEU A 103 0.34 -46.26 12.13
CA LEU A 103 -0.68 -46.14 11.11
C LEU A 103 -1.93 -46.93 11.48
N ARG A 104 -2.16 -47.08 12.79
CA ARG A 104 -3.30 -47.83 13.32
C ARG A 104 -4.66 -47.32 12.82
N LYS A 105 -4.83 -46.00 12.85
CA LYS A 105 -6.07 -45.37 12.42
C LYS A 105 -6.11 -45.08 10.91
N ALA A 106 -4.95 -45.14 10.27
CA ALA A 106 -4.80 -44.76 8.87
C ALA A 106 -5.73 -45.52 7.93
N ILE A 107 -6.45 -44.76 7.11
CA ILE A 107 -7.34 -45.32 6.08
C ILE A 107 -6.53 -45.54 4.80
N LEU A 108 -6.59 -46.75 4.28
CA LEU A 108 -5.89 -47.06 3.04
C LEU A 108 -6.74 -46.69 1.83
N VAL A 109 -6.17 -45.88 0.95
CA VAL A 109 -6.76 -45.62 -0.35
C VAL A 109 -5.70 -45.90 -1.40
N VAL A 110 -6.05 -46.76 -2.34
CA VAL A 110 -5.13 -47.19 -3.38
C VAL A 110 -5.50 -46.58 -4.72
N PHE A 111 -4.53 -45.90 -5.31
CA PHE A 111 -4.68 -45.28 -6.61
C PHE A 111 -4.08 -46.16 -7.68
N ALA A 112 -4.94 -46.74 -8.51
CA ALA A 112 -4.50 -47.39 -9.73
C ALA A 112 -4.25 -46.29 -10.75
N ASN A 113 -3.00 -45.85 -10.85
CA ASN A 113 -2.65 -44.70 -11.68
C ASN A 113 -2.28 -45.07 -13.12
N LYS A 114 -2.33 -44.07 -14.00
CA LYS A 114 -2.00 -44.23 -15.43
C LYS A 114 -3.03 -45.09 -16.18
N GLN A 115 -4.31 -44.87 -15.86
CA GLN A 115 -5.40 -45.58 -16.51
C GLN A 115 -5.68 -45.08 -17.92
N ASP A 116 -5.21 -43.86 -18.21
CA ASP A 116 -5.33 -43.27 -19.54
C ASP A 116 -4.43 -43.99 -20.57
N MET A 117 -3.51 -44.81 -20.06
CA MET A 117 -2.62 -45.62 -20.89
C MET A 117 -3.35 -46.79 -21.54
N GLU A 118 -2.90 -47.16 -22.75
CA GLU A 118 -3.53 -48.19 -23.57
C GLU A 118 -3.57 -49.58 -22.90
N GLN A 119 -2.39 -50.10 -22.55
CA GLN A 119 -2.26 -51.43 -21.96
C GLN A 119 -2.58 -51.46 -20.45
N ALA A 120 -3.18 -50.38 -19.96
CA ALA A 120 -3.50 -50.23 -18.53
C ALA A 120 -4.24 -51.44 -17.96
N MET A 121 -3.80 -51.88 -16.78
CA MET A 121 -4.42 -53.01 -16.10
C MET A 121 -5.85 -52.70 -15.64
N THR A 122 -6.67 -53.74 -15.53
CA THR A 122 -8.01 -53.63 -14.98
C THR A 122 -7.92 -53.47 -13.47
N SER A 123 -8.86 -52.73 -12.89
CA SER A 123 -8.87 -52.49 -11.43
C SER A 123 -8.85 -53.79 -10.64
N SER A 124 -9.42 -54.85 -11.23
CA SER A 124 -9.47 -56.18 -10.63
C SER A 124 -8.09 -56.79 -10.36
N GLU A 125 -7.28 -56.91 -11.43
CA GLU A 125 -6.03 -57.66 -11.38
C GLU A 125 -4.95 -57.08 -10.46
N MET A 126 -4.95 -55.75 -10.31
CA MET A 126 -4.06 -55.07 -9.37
C MET A 126 -4.48 -55.31 -7.92
N ALA A 127 -5.78 -55.21 -7.66
CA ALA A 127 -6.36 -55.39 -6.33
C ALA A 127 -6.04 -56.75 -5.72
N ASN A 128 -6.08 -57.80 -6.56
CA ASN A 128 -5.73 -59.14 -6.13
C ASN A 128 -4.23 -59.27 -5.89
N SER A 129 -3.44 -58.70 -6.80
CA SER A 129 -1.98 -58.74 -6.75
C SER A 129 -1.42 -58.14 -5.47
N LEU A 130 -1.96 -56.99 -5.07
CA LEU A 130 -1.52 -56.30 -3.87
C LEU A 130 -2.04 -56.95 -2.58
N GLY A 131 -3.12 -57.72 -2.70
CA GLY A 131 -3.69 -58.45 -1.57
C GLY A 131 -4.66 -57.64 -0.72
N LEU A 132 -5.47 -56.82 -1.38
CA LEU A 132 -6.47 -55.99 -0.72
C LEU A 132 -7.60 -56.80 -0.06
N PRO A 133 -8.10 -57.87 -0.74
CA PRO A 133 -9.21 -58.65 -0.16
C PRO A 133 -8.84 -59.46 1.08
N ALA A 134 -7.55 -59.70 1.30
CA ALA A 134 -7.08 -60.50 2.43
C ALA A 134 -6.58 -59.66 3.61
N LEU A 135 -7.24 -58.53 3.86
CA LEU A 135 -6.81 -57.60 4.92
C LEU A 135 -7.75 -57.63 6.14
N LYS A 136 -7.16 -57.86 7.31
CA LYS A 136 -7.91 -57.90 8.57
C LYS A 136 -7.98 -56.52 9.23
N ASP A 137 -9.22 -56.09 9.54
CA ASP A 137 -9.49 -54.83 10.25
C ASP A 137 -8.79 -53.62 9.64
N ARG A 138 -9.19 -53.27 8.42
CA ARG A 138 -8.66 -52.10 7.73
C ARG A 138 -9.61 -51.69 6.61
N LYS A 139 -10.03 -50.42 6.65
CA LYS A 139 -10.91 -49.88 5.62
C LYS A 139 -10.09 -49.50 4.39
N TRP A 140 -10.34 -50.21 3.29
CA TRP A 140 -9.63 -49.97 2.04
C TRP A 140 -10.59 -49.85 0.86
N GLN A 141 -10.18 -49.07 -0.13
CA GLN A 141 -10.88 -48.96 -1.40
C GLN A 141 -9.90 -48.58 -2.49
N ILE A 142 -10.08 -49.16 -3.67
CA ILE A 142 -9.18 -48.94 -4.81
C ILE A 142 -9.91 -48.23 -5.96
N PHE A 143 -9.22 -47.29 -6.61
CA PHE A 143 -9.84 -46.45 -7.63
C PHE A 143 -8.99 -46.34 -8.90
N LYS A 144 -9.67 -46.29 -10.05
CA LYS A 144 -9.01 -46.06 -11.33
C LYS A 144 -8.75 -44.56 -11.50
N THR A 145 -7.47 -44.21 -11.59
CA THR A 145 -7.05 -42.81 -11.65
C THR A 145 -6.06 -42.52 -12.77
N SER A 146 -6.03 -41.27 -13.22
CA SER A 146 -4.97 -40.78 -14.07
C SER A 146 -4.73 -39.30 -13.79
N ALA A 147 -3.56 -39.01 -13.22
CA ALA A 147 -3.18 -37.64 -12.87
C ALA A 147 -2.98 -36.76 -14.10
N THR A 148 -2.65 -37.38 -15.23
CA THR A 148 -2.49 -36.67 -16.50
C THR A 148 -3.83 -36.18 -17.06
N LYS A 149 -4.86 -37.03 -16.97
CA LYS A 149 -6.20 -36.69 -17.45
C LYS A 149 -7.04 -35.98 -16.38
N GLY A 150 -7.11 -36.58 -15.19
CA GLY A 150 -7.90 -36.04 -14.09
C GLY A 150 -8.97 -37.01 -13.62
N THR A 151 -9.03 -38.18 -14.26
CA THR A 151 -10.09 -39.15 -14.02
C THR A 151 -9.92 -39.91 -12.71
N GLY A 152 -11.02 -39.99 -11.96
CA GLY A 152 -11.07 -40.77 -10.73
C GLY A 152 -10.44 -40.11 -9.53
N LEU A 153 -10.33 -38.78 -9.55
CA LEU A 153 -9.78 -38.04 -8.42
C LEU A 153 -10.88 -37.60 -7.45
N ASP A 154 -11.87 -36.89 -7.97
CA ASP A 154 -13.02 -36.43 -7.18
C ASP A 154 -13.68 -37.58 -6.43
N GLU A 155 -14.00 -38.65 -7.17
CA GLU A 155 -14.56 -39.87 -6.60
C GLU A 155 -13.70 -40.35 -5.44
N ALA A 156 -12.41 -40.55 -5.72
CA ALA A 156 -11.43 -41.03 -4.74
C ALA A 156 -11.38 -40.13 -3.49
N MET A 157 -11.36 -38.83 -3.72
CA MET A 157 -11.25 -37.84 -2.64
C MET A 157 -12.55 -37.73 -1.84
N GLU A 158 -13.68 -37.86 -2.52
CA GLU A 158 -14.98 -37.81 -1.85
C GLU A 158 -15.15 -39.00 -0.92
N TRP A 159 -14.76 -40.19 -1.39
CA TRP A 159 -14.75 -41.39 -0.56
C TRP A 159 -13.80 -41.18 0.63
N LEU A 160 -12.65 -40.58 0.34
CA LEU A 160 -11.63 -40.32 1.35
C LEU A 160 -12.14 -39.39 2.45
N VAL A 161 -12.86 -38.33 2.04
CA VAL A 161 -13.46 -37.40 2.98
C VAL A 161 -14.60 -38.08 3.73
N GLU A 162 -15.48 -38.75 2.99
CA GLU A 162 -16.62 -39.47 3.55
C GLU A 162 -16.21 -40.36 4.73
N THR A 163 -15.12 -41.10 4.56
CA THR A 163 -14.64 -42.03 5.57
C THR A 163 -14.12 -41.31 6.83
N LEU A 164 -13.43 -40.19 6.63
CA LEU A 164 -12.85 -39.44 7.75
C LEU A 164 -13.91 -38.74 8.59
N LYS A 165 -15.03 -38.39 7.96
CA LYS A 165 -16.15 -37.77 8.65
C LYS A 165 -16.87 -38.77 9.57
N SER A 166 -16.81 -40.05 9.21
CA SER A 166 -17.36 -41.12 10.05
C SER A 166 -16.29 -41.69 10.96
N THR B 2 2.94 34.18 14.24
CA THR B 2 2.76 32.70 14.15
C THR B 2 1.54 32.26 13.30
N ARG B 3 0.57 33.14 13.10
CA ARG B 3 -0.59 32.80 12.23
C ARG B 3 -0.24 32.76 10.75
N GLU B 4 -1.01 31.99 9.98
CA GLU B 4 -0.94 32.02 8.52
C GLU B 4 -1.28 33.45 8.11
N MET B 5 -0.37 34.05 7.35
CA MET B 5 -0.55 35.43 6.91
C MET B 5 -0.86 35.47 5.43
N ARG B 6 -1.58 36.52 5.02
CA ARG B 6 -2.03 36.65 3.65
C ARG B 6 -1.18 37.67 2.91
N ILE B 7 -0.73 37.29 1.72
CA ILE B 7 0.02 38.20 0.86
C ILE B 7 -0.65 38.29 -0.50
N LEU B 8 -0.71 39.51 -1.04
CA LEU B 8 -1.16 39.75 -2.41
C LEU B 8 0.02 40.18 -3.27
N ILE B 9 0.14 39.55 -4.44
CA ILE B 9 1.10 40.00 -5.43
C ILE B 9 0.33 40.73 -6.52
N LEU B 10 0.61 42.02 -6.67
CA LEU B 10 -0.11 42.87 -7.63
C LEU B 10 0.83 43.71 -8.47
N GLY B 11 0.29 44.25 -9.56
CA GLY B 11 1.06 44.99 -10.56
C GLY B 11 0.50 44.73 -11.93
N LEU B 12 1.05 45.40 -12.95
CA LEU B 12 0.54 45.29 -14.32
C LEU B 12 0.96 43.99 -14.96
N ASP B 13 0.25 43.59 -16.01
CA ASP B 13 0.60 42.42 -16.80
C ASP B 13 2.05 42.50 -17.32
N GLY B 14 2.84 41.49 -16.99
CA GLY B 14 4.20 41.41 -17.50
C GLY B 14 5.28 41.77 -16.51
N ALA B 15 4.88 42.31 -15.37
CA ALA B 15 5.83 42.70 -14.33
C ALA B 15 6.69 41.51 -13.89
N GLY B 16 6.04 40.41 -13.54
CA GLY B 16 6.74 39.19 -13.13
C GLY B 16 6.10 38.63 -11.88
N LYS B 17 4.79 38.86 -11.73
CA LYS B 17 4.06 38.47 -10.52
C LYS B 17 4.05 36.97 -10.25
N THR B 18 3.54 36.19 -11.21
CA THR B 18 3.45 34.74 -11.07
C THR B 18 4.81 34.09 -10.87
N THR B 19 5.82 34.63 -11.56
CA THR B 19 7.19 34.19 -11.39
C THR B 19 7.72 34.41 -9.96
N ILE B 20 7.38 35.52 -9.32
CA ILE B 20 7.75 35.76 -7.92
C ILE B 20 7.21 34.67 -7.01
N LEU B 21 5.95 34.30 -7.22
CA LEU B 21 5.26 33.29 -6.41
C LEU B 21 5.98 31.96 -6.45
N TYR B 22 6.06 31.36 -7.64
CA TYR B 22 6.58 30.01 -7.75
C TYR B 22 8.07 29.97 -7.44
N ARG B 23 8.71 31.12 -7.57
CA ARG B 23 10.06 31.30 -7.04
C ARG B 23 9.99 31.18 -5.51
N LEU B 24 8.99 31.79 -4.90
CA LEU B 24 8.81 31.68 -3.44
C LEU B 24 8.46 30.25 -3.05
N GLN B 25 7.59 29.61 -3.82
CA GLN B 25 7.15 28.25 -3.52
C GLN B 25 8.28 27.22 -3.59
N VAL B 26 9.05 27.23 -4.66
CA VAL B 26 10.03 26.17 -4.91
C VAL B 26 11.49 26.65 -5.16
N GLY B 27 11.75 27.94 -4.91
CA GLY B 27 13.07 28.51 -5.13
C GLY B 27 13.58 28.35 -6.54
N GLU B 28 12.69 28.53 -7.53
CA GLU B 28 12.99 28.25 -8.93
C GLU B 28 12.14 29.08 -9.89
N VAL B 29 12.64 29.24 -11.11
CA VAL B 29 11.87 29.81 -12.21
C VAL B 29 11.05 28.69 -12.86
N VAL B 30 9.77 28.96 -13.10
CA VAL B 30 8.88 28.00 -13.75
C VAL B 30 8.34 28.63 -15.02
N THR B 31 7.72 27.81 -15.85
CA THR B 31 6.99 28.29 -17.02
C THR B 31 5.68 28.90 -16.54
N THR B 32 5.33 30.07 -17.08
CA THR B 32 4.07 30.74 -16.71
C THR B 32 3.20 31.13 -17.90
N ILE B 33 1.90 31.14 -17.68
CA ILE B 33 0.95 31.68 -18.65
C ILE B 33 0.36 32.95 -18.04
N PRO B 34 -0.17 33.87 -18.86
CA PRO B 34 -0.76 35.09 -18.33
C PRO B 34 -1.90 34.74 -17.40
N THR B 35 -1.98 35.43 -16.27
CA THR B 35 -2.84 34.96 -15.18
C THR B 35 -4.28 35.46 -15.30
N ILE B 36 -5.15 34.63 -15.86
CA ILE B 36 -6.56 34.97 -16.04
C ILE B 36 -7.31 34.80 -14.73
N GLY B 37 -7.31 35.86 -13.92
CA GLY B 37 -7.85 35.78 -12.58
C GLY B 37 -6.75 35.78 -11.54
N PHE B 38 -6.50 34.61 -10.94
CA PHE B 38 -5.46 34.51 -9.90
C PHE B 38 -4.84 33.13 -9.78
N ASN B 39 -3.61 33.12 -9.29
CA ASN B 39 -2.99 31.93 -8.74
C ASN B 39 -2.93 32.10 -7.22
N VAL B 40 -2.93 30.99 -6.49
CA VAL B 40 -2.93 31.02 -5.04
C VAL B 40 -2.24 29.79 -4.45
N GLU B 41 -1.22 30.03 -3.63
CA GLU B 41 -0.40 28.97 -3.08
C GLU B 41 -0.05 29.21 -1.62
N THR B 42 0.02 28.15 -0.84
CA THR B 42 0.51 28.23 0.54
C THR B 42 2.02 28.13 0.51
N VAL B 43 2.68 29.12 1.10
CA VAL B 43 4.13 29.24 1.04
C VAL B 43 4.72 29.46 2.43
N THR B 44 5.91 28.91 2.66
CA THR B 44 6.58 29.07 3.96
C THR B 44 7.98 29.67 3.78
N TYR B 45 8.29 30.68 4.57
CA TYR B 45 9.59 31.32 4.50
C TYR B 45 10.04 31.74 5.89
N LYS B 46 11.17 31.18 6.31
CA LYS B 46 11.69 31.34 7.67
C LYS B 46 10.58 31.10 8.70
N ASN B 47 10.09 29.86 8.71
CA ASN B 47 9.07 29.41 9.68
C ASN B 47 7.91 30.41 9.84
N LEU B 48 7.35 30.84 8.71
CA LEU B 48 6.23 31.76 8.71
C LEU B 48 5.34 31.37 7.54
N LYS B 49 4.14 30.89 7.85
CA LYS B 49 3.21 30.41 6.84
C LYS B 49 2.56 31.57 6.10
N PHE B 50 2.54 31.49 4.77
CA PHE B 50 1.91 32.50 3.94
C PHE B 50 0.89 31.90 3.01
N GLN B 51 -0.21 32.63 2.83
CA GLN B 51 -1.23 32.30 1.85
C GLN B 51 -1.10 33.35 0.77
N VAL B 52 -0.37 33.02 -0.29
CA VAL B 52 -0.05 34.01 -1.32
C VAL B 52 -1.08 34.02 -2.45
N TRP B 53 -1.69 35.18 -2.68
CA TRP B 53 -2.63 35.40 -3.78
C TRP B 53 -1.99 36.26 -4.85
N ASP B 54 -1.73 35.64 -6.00
CA ASP B 54 -1.14 36.32 -7.13
C ASP B 54 -2.25 36.58 -8.12
N LEU B 55 -2.60 37.85 -8.30
CA LEU B 55 -3.67 38.24 -9.22
C LEU B 55 -3.10 38.70 -10.54
N GLY B 56 -3.88 38.58 -11.59
CA GLY B 56 -3.48 39.03 -12.93
C GLY B 56 -3.53 40.54 -13.07
N GLY B 57 -2.59 41.07 -13.83
CA GLY B 57 -2.47 42.51 -14.02
C GLY B 57 -2.92 43.04 -15.37
N LEU B 58 -3.59 42.22 -16.16
CA LEU B 58 -4.18 42.67 -17.43
C LEU B 58 -5.34 43.64 -17.15
N THR B 59 -5.50 44.62 -18.05
CA THR B 59 -6.43 45.74 -17.84
C THR B 59 -7.80 45.34 -17.31
N SER B 60 -8.44 44.36 -17.95
CA SER B 60 -9.80 43.98 -17.56
C SER B 60 -9.87 43.26 -16.21
N ILE B 61 -8.73 42.72 -15.77
CA ILE B 61 -8.65 42.02 -14.48
C ILE B 61 -8.58 43.03 -13.32
N ARG B 62 -7.80 44.09 -13.51
CA ARG B 62 -7.51 45.07 -12.46
C ARG B 62 -8.67 45.67 -11.67
N PRO B 63 -9.82 45.95 -12.31
CA PRO B 63 -10.91 46.52 -11.53
C PRO B 63 -11.49 45.55 -10.50
N TYR B 64 -10.97 44.32 -10.48
CA TYR B 64 -11.50 43.28 -9.61
C TYR B 64 -10.51 42.85 -8.53
N TRP B 65 -9.30 43.43 -8.58
CA TRP B 65 -8.29 43.22 -7.57
C TRP B 65 -8.88 43.34 -6.17
N ARG B 66 -9.66 44.40 -5.98
CA ARG B 66 -10.23 44.75 -4.68
C ARG B 66 -11.23 43.73 -4.12
N CYS B 67 -11.70 42.81 -4.96
CA CYS B 67 -12.49 41.69 -4.48
C CYS B 67 -11.67 40.75 -3.60
N TYR B 68 -10.39 41.06 -3.42
CA TYR B 68 -9.48 40.13 -2.74
C TYR B 68 -8.59 40.79 -1.68
N TYR B 69 -8.90 42.06 -1.37
CA TYR B 69 -8.11 42.83 -0.41
C TYR B 69 -8.38 42.48 1.05
N SER B 70 -9.47 41.76 1.29
CA SER B 70 -9.90 41.47 2.65
C SER B 70 -8.87 40.62 3.39
N ASN B 71 -8.57 41.04 4.63
CA ASN B 71 -7.64 40.35 5.53
C ASN B 71 -6.23 40.16 4.98
N THR B 72 -5.70 41.22 4.36
CA THR B 72 -4.38 41.21 3.74
C THR B 72 -3.36 41.84 4.68
N ASP B 73 -2.27 41.12 4.89
CA ASP B 73 -1.22 41.53 5.81
C ASP B 73 -0.07 42.31 5.14
N ALA B 74 0.16 42.02 3.87
CA ALA B 74 1.21 42.68 3.11
C ALA B 74 0.93 42.58 1.63
N VAL B 75 1.36 43.59 0.88
CA VAL B 75 1.22 43.63 -0.57
C VAL B 75 2.59 43.70 -1.24
N ILE B 76 2.89 42.70 -2.07
CA ILE B 76 4.06 42.76 -2.93
C ILE B 76 3.65 43.48 -4.23
N TYR B 77 4.19 44.68 -4.44
CA TYR B 77 3.86 45.43 -5.65
C TYR B 77 4.95 45.31 -6.69
N VAL B 78 4.64 44.58 -7.77
CA VAL B 78 5.63 44.30 -8.79
C VAL B 78 5.51 45.31 -9.92
N VAL B 79 6.66 45.83 -10.33
CA VAL B 79 6.73 46.83 -11.39
C VAL B 79 7.90 46.49 -12.32
N ASP B 80 7.60 46.48 -13.61
CA ASP B 80 8.59 46.29 -14.66
C ASP B 80 9.58 47.46 -14.66
N SER B 81 10.87 47.14 -14.52
CA SER B 81 11.92 48.16 -14.52
C SER B 81 12.23 48.71 -15.91
N CYS B 82 11.65 48.06 -16.92
CA CYS B 82 11.96 48.36 -18.31
C CYS B 82 10.82 49.08 -19.02
N ASP B 83 9.72 49.27 -18.30
CA ASP B 83 8.51 49.86 -18.88
C ASP B 83 8.25 51.28 -18.37
N ARG B 84 9.06 52.24 -18.83
CA ARG B 84 8.83 53.66 -18.61
C ARG B 84 7.43 54.13 -19.05
N ASP B 85 7.04 53.76 -20.27
CA ASP B 85 5.74 54.15 -20.85
C ASP B 85 4.55 53.95 -19.92
N ARG B 86 4.58 52.87 -19.15
CA ARG B 86 3.41 52.46 -18.37
C ARG B 86 3.51 52.70 -16.86
N ILE B 87 4.67 53.13 -16.38
CA ILE B 87 4.83 53.38 -14.95
C ILE B 87 3.71 54.26 -14.38
N GLY B 88 3.26 55.23 -15.17
CA GLY B 88 2.12 56.06 -14.81
C GLY B 88 0.89 55.27 -14.39
N ILE B 89 0.55 54.26 -15.19
CA ILE B 89 -0.60 53.38 -14.90
C ILE B 89 -0.37 52.63 -13.58
N SER B 90 0.86 52.16 -13.39
CA SER B 90 1.25 51.43 -12.20
C SER B 90 1.02 52.31 -10.98
N LYS B 91 1.34 53.60 -11.10
CA LYS B 91 1.08 54.56 -10.02
C LYS B 91 -0.42 54.72 -9.77
N SER B 92 -1.21 54.77 -10.85
CA SER B 92 -2.65 54.91 -10.77
C SER B 92 -3.24 53.80 -9.93
N GLU B 93 -2.78 52.58 -10.20
CA GLU B 93 -3.27 51.40 -9.53
C GLU B 93 -2.77 51.34 -8.10
N LEU B 94 -1.55 51.84 -7.91
CA LEU B 94 -0.94 51.92 -6.57
C LEU B 94 -1.63 52.97 -5.69
N VAL B 95 -1.92 54.13 -6.28
CA VAL B 95 -2.64 55.19 -5.58
C VAL B 95 -4.05 54.74 -5.19
N ALA B 96 -4.69 53.96 -6.07
CA ALA B 96 -6.07 53.55 -5.87
C ALA B 96 -6.22 52.53 -4.76
N MET B 97 -5.38 51.50 -4.80
CA MET B 97 -5.53 50.39 -3.87
C MET B 97 -5.24 50.81 -2.44
N LEU B 98 -4.24 51.65 -2.27
CA LEU B 98 -3.79 52.06 -0.95
C LEU B 98 -4.82 52.91 -0.22
N GLU B 99 -5.77 53.45 -0.99
CA GLU B 99 -6.85 54.25 -0.43
C GLU B 99 -7.96 53.37 0.14
N GLU B 100 -7.94 52.08 -0.20
CA GLU B 100 -8.91 51.11 0.34
C GLU B 100 -8.60 50.84 1.81
N GLU B 101 -9.62 50.94 2.65
CA GLU B 101 -9.43 50.73 4.09
C GLU B 101 -9.21 49.27 4.46
N GLU B 102 -9.78 48.37 3.66
CA GLU B 102 -9.50 46.94 3.79
C GLU B 102 -8.00 46.65 3.81
N LEU B 103 -7.21 47.62 3.37
CA LEU B 103 -5.75 47.48 3.28
C LEU B 103 -4.97 48.35 4.28
N ARG B 104 -5.67 49.03 5.18
CA ARG B 104 -5.02 50.04 6.04
C ARG B 104 -3.83 49.52 6.84
N LYS B 105 -3.95 48.30 7.36
CA LYS B 105 -2.90 47.71 8.21
C LYS B 105 -1.85 46.90 7.41
N ALA B 106 -1.95 46.91 6.09
CA ALA B 106 -1.05 46.13 5.23
C ALA B 106 0.29 46.82 4.97
N ILE B 107 1.35 46.03 4.96
CA ILE B 107 2.71 46.51 4.65
C ILE B 107 2.92 46.42 3.14
N LEU B 108 3.52 47.44 2.56
CA LEU B 108 3.75 47.47 1.11
C LEU B 108 5.19 47.18 0.77
N VAL B 109 5.43 46.16 -0.06
CA VAL B 109 6.77 45.92 -0.56
C VAL B 109 6.77 45.93 -2.08
N VAL B 110 7.35 47.00 -2.62
CA VAL B 110 7.45 47.20 -4.04
C VAL B 110 8.64 46.43 -4.59
N PHE B 111 8.39 45.62 -5.62
CA PHE B 111 9.44 44.87 -6.30
C PHE B 111 9.75 45.55 -7.62
N ALA B 112 10.89 46.25 -7.65
CA ALA B 112 11.37 46.86 -8.87
C ALA B 112 11.98 45.73 -9.69
N ASN B 113 11.12 45.02 -10.41
CA ASN B 113 11.54 43.79 -11.03
C ASN B 113 12.24 43.96 -12.37
N LYS B 114 12.89 42.88 -12.82
CA LYS B 114 13.61 42.82 -14.09
C LYS B 114 14.86 43.69 -14.09
N GLN B 115 15.43 43.90 -12.89
CA GLN B 115 16.65 44.70 -12.73
C GLN B 115 17.88 44.07 -13.36
N ASP B 116 17.78 42.81 -13.76
CA ASP B 116 18.86 42.09 -14.42
C ASP B 116 19.18 42.68 -15.79
N MET B 117 18.22 43.41 -16.36
CA MET B 117 18.37 44.05 -17.67
C MET B 117 19.23 45.31 -17.60
N GLU B 118 19.91 45.61 -18.71
CA GLU B 118 20.87 46.73 -18.78
C GLU B 118 20.16 48.07 -18.68
N GLN B 119 19.09 48.21 -19.44
CA GLN B 119 18.33 49.46 -19.55
C GLN B 119 17.60 49.86 -18.26
N ALA B 120 17.51 48.92 -17.32
CA ALA B 120 16.58 49.01 -16.18
C ALA B 120 16.63 50.35 -15.46
N MET B 121 15.45 50.84 -15.04
CA MET B 121 15.33 52.07 -14.28
C MET B 121 15.97 51.95 -12.91
N THR B 122 16.50 53.06 -12.41
CA THR B 122 17.01 53.15 -11.05
C THR B 122 15.85 53.07 -10.07
N SER B 123 16.11 52.57 -8.86
CA SER B 123 15.07 52.52 -7.83
C SER B 123 14.51 53.90 -7.59
N SER B 124 15.38 54.91 -7.73
CA SER B 124 15.05 56.29 -7.47
C SER B 124 14.00 56.80 -8.44
N GLU B 125 14.24 56.60 -9.74
CA GLU B 125 13.25 56.98 -10.76
C GLU B 125 11.91 56.34 -10.47
N MET B 126 11.95 55.04 -10.18
CA MET B 126 10.77 54.26 -9.84
C MET B 126 10.07 54.86 -8.63
N ALA B 127 10.85 55.13 -7.59
CA ALA B 127 10.29 55.63 -6.34
C ALA B 127 9.51 56.94 -6.51
N ASN B 128 10.03 57.84 -7.35
CA ASN B 128 9.34 59.09 -7.67
C ASN B 128 8.09 58.84 -8.52
N SER B 129 8.28 58.08 -9.59
CA SER B 129 7.21 57.76 -10.52
C SER B 129 6.07 56.98 -9.86
N LEU B 130 6.36 56.31 -8.76
CA LEU B 130 5.33 55.64 -7.99
C LEU B 130 4.76 56.55 -6.91
N GLY B 131 5.53 57.58 -6.54
CA GLY B 131 5.12 58.55 -5.52
C GLY B 131 5.22 58.00 -4.11
N LEU B 132 6.28 57.24 -3.88
CA LEU B 132 6.49 56.56 -2.59
C LEU B 132 6.90 57.50 -1.45
N PRO B 133 7.72 58.54 -1.75
CA PRO B 133 8.08 59.49 -0.71
C PRO B 133 6.87 60.15 -0.06
N ALA B 134 5.75 60.12 -0.75
CA ALA B 134 4.51 60.69 -0.25
C ALA B 134 3.77 59.77 0.75
N LEU B 135 4.19 58.51 0.86
CA LEU B 135 3.47 57.55 1.69
C LEU B 135 3.91 57.57 3.15
N LYS B 136 3.24 58.40 3.95
CA LYS B 136 3.47 58.38 5.39
C LYS B 136 2.40 57.51 6.08
N ASP B 137 2.65 57.16 7.34
CA ASP B 137 1.78 56.26 8.10
C ASP B 137 1.58 54.94 7.35
N ARG B 138 2.70 54.35 6.89
CA ARG B 138 2.67 53.12 6.11
C ARG B 138 4.09 52.57 5.96
N LYS B 139 4.35 51.41 6.55
CA LYS B 139 5.65 50.77 6.40
C LYS B 139 5.74 50.19 5.00
N TRP B 140 6.79 50.59 4.27
CA TRP B 140 6.99 50.11 2.93
C TRP B 140 8.46 49.93 2.63
N GLN B 141 8.74 49.41 1.43
CA GLN B 141 10.10 49.19 0.98
C GLN B 141 10.10 48.93 -0.53
N ILE B 142 11.13 49.40 -1.21
CA ILE B 142 11.28 49.13 -2.64
C ILE B 142 12.61 48.42 -2.88
N PHE B 143 12.52 47.21 -3.40
CA PHE B 143 13.68 46.36 -3.63
C PHE B 143 13.90 46.13 -5.10
N LYS B 144 15.18 46.03 -5.48
CA LYS B 144 15.56 45.72 -6.84
C LYS B 144 15.66 44.21 -6.98
N THR B 145 14.73 43.63 -7.73
CA THR B 145 14.65 42.18 -7.86
C THR B 145 14.84 41.72 -9.28
N SER B 146 15.26 40.46 -9.42
CA SER B 146 15.14 39.76 -10.68
C SER B 146 14.51 38.41 -10.40
N ALA B 147 13.30 38.23 -10.90
CA ALA B 147 12.53 37.02 -10.66
C ALA B 147 13.11 35.83 -11.41
N THR B 148 13.71 36.10 -12.57
CA THR B 148 14.34 35.07 -13.38
C THR B 148 15.73 34.68 -12.89
N LYS B 149 16.52 35.68 -12.49
CA LYS B 149 17.87 35.41 -11.97
C LYS B 149 17.81 34.94 -10.53
N GLY B 150 16.95 35.59 -9.74
CA GLY B 150 16.78 35.26 -8.33
C GLY B 150 17.26 36.35 -7.40
N THR B 151 17.95 37.34 -7.94
CA THR B 151 18.60 38.39 -7.13
C THR B 151 17.60 39.35 -6.52
N GLY B 152 17.86 39.73 -5.27
CA GLY B 152 16.97 40.65 -4.55
C GLY B 152 15.87 39.98 -3.77
N LEU B 153 15.36 38.87 -4.31
CA LEU B 153 14.21 38.18 -3.73
C LEU B 153 14.34 37.84 -2.25
N ASP B 154 15.46 37.24 -1.85
CA ASP B 154 15.65 36.85 -0.45
C ASP B 154 15.60 38.07 0.48
N GLU B 155 16.41 39.07 0.19
CA GLU B 155 16.54 40.26 1.02
C GLU B 155 15.18 40.92 1.23
N ALA B 156 14.38 40.94 0.16
CA ALA B 156 13.05 41.54 0.17
C ALA B 156 12.09 40.77 1.08
N MET B 157 12.19 39.44 1.02
CA MET B 157 11.36 38.58 1.84
C MET B 157 11.83 38.59 3.29
N GLU B 158 13.13 38.81 3.48
CA GLU B 158 13.69 38.88 4.81
C GLU B 158 13.04 40.04 5.51
N TRP B 159 13.13 41.20 4.86
CA TRP B 159 12.55 42.44 5.38
C TRP B 159 11.05 42.28 5.60
N LEU B 160 10.40 41.56 4.69
CA LEU B 160 8.96 41.32 4.78
C LEU B 160 8.62 40.44 5.97
N VAL B 161 9.32 39.32 6.15
CA VAL B 161 9.11 38.47 7.30
C VAL B 161 9.36 39.23 8.61
N GLU B 162 10.57 39.75 8.77
CA GLU B 162 10.94 40.38 10.04
C GLU B 162 10.00 41.51 10.43
N THR B 163 9.50 42.26 9.44
CA THR B 163 8.59 43.37 9.73
C THR B 163 7.20 42.86 10.08
N LEU B 164 6.81 41.72 9.51
CA LEU B 164 5.51 41.11 9.79
C LEU B 164 5.47 40.40 11.13
N LYS B 165 6.65 40.18 11.71
CA LYS B 165 6.74 39.59 13.03
C LYS B 165 6.63 40.67 14.10
N SER B 166 7.27 41.81 13.86
CA SER B 166 7.07 43.01 14.68
C SER B 166 5.72 43.65 14.34
N SER C 2 29.22 -37.78 24.65
CA SER C 2 30.43 -38.60 24.31
C SER C 2 30.81 -38.44 22.83
N ARG C 3 29.87 -38.75 21.94
CA ARG C 3 30.12 -38.82 20.49
C ARG C 3 30.29 -37.47 19.80
N THR C 4 30.81 -37.52 18.58
CA THR C 4 30.95 -36.34 17.73
C THR C 4 29.62 -35.97 17.04
N VAL C 5 28.76 -36.97 16.87
CA VAL C 5 27.47 -36.80 16.20
C VAL C 5 26.59 -35.76 16.90
N ASP C 6 26.39 -35.94 18.22
CA ASP C 6 25.53 -35.07 19.03
C ASP C 6 26.07 -33.63 19.07
N LEU C 7 27.39 -33.51 18.96
CA LEU C 7 28.04 -32.21 18.92
C LEU C 7 27.77 -31.56 17.57
N GLU C 8 27.82 -32.36 16.51
CA GLU C 8 27.50 -31.88 15.17
C GLU C 8 25.99 -31.68 15.02
N LEU C 9 25.19 -32.43 15.77
CA LEU C 9 23.73 -32.34 15.69
C LEU C 9 23.18 -31.13 16.44
N GLU C 10 23.55 -30.97 17.71
CA GLU C 10 23.17 -29.79 18.49
C GLU C 10 23.52 -28.51 17.73
N LEU C 11 24.61 -28.56 16.96
CA LEU C 11 25.04 -27.46 16.10
C LEU C 11 23.98 -27.17 15.04
N GLN C 12 23.52 -28.22 14.36
CA GLN C 12 22.51 -28.07 13.32
C GLN C 12 21.11 -27.76 13.88
N ILE C 13 20.76 -28.38 15.02
CA ILE C 13 19.53 -28.07 15.75
C ILE C 13 19.44 -26.56 15.97
N GLU C 14 20.52 -26.01 16.52
CA GLU C 14 20.70 -24.59 16.75
C GLU C 14 20.33 -23.80 15.49
N LEU C 15 21.01 -24.11 14.39
CA LEU C 15 20.82 -23.42 13.11
C LEU C 15 19.37 -23.48 12.60
N LEU C 16 18.70 -24.61 12.83
CA LEU C 16 17.31 -24.76 12.42
C LEU C 16 16.38 -23.84 13.20
N ARG C 17 16.55 -23.81 14.52
CA ARG C 17 15.76 -22.95 15.39
C ARG C 17 15.97 -21.47 15.04
N GLU C 18 17.21 -21.09 14.77
CA GLU C 18 17.57 -19.72 14.44
C GLU C 18 16.89 -19.27 13.15
N THR C 19 17.00 -20.08 12.11
CA THR C 19 16.48 -19.69 10.81
C THR C 19 14.97 -19.84 10.74
N LYS C 20 14.38 -20.51 11.74
CA LYS C 20 12.92 -20.58 11.84
C LYS C 20 12.34 -19.20 12.17
N ARG C 21 12.82 -18.61 13.25
CA ARG C 21 12.36 -17.30 13.67
C ARG C 21 12.59 -16.26 12.57
N LYS C 22 13.67 -16.44 11.81
CA LYS C 22 13.95 -15.58 10.66
C LYS C 22 12.87 -15.66 9.59
N TYR C 23 12.41 -16.87 9.27
CA TYR C 23 11.34 -17.06 8.29
C TYR C 23 9.99 -16.60 8.82
N GLU C 24 9.77 -16.74 10.12
CA GLU C 24 8.58 -16.21 10.78
C GLU C 24 8.52 -14.69 10.70
N SER C 25 9.69 -14.04 10.72
CA SER C 25 9.76 -12.60 10.50
C SER C 25 9.38 -12.28 9.05
N VAL C 26 9.99 -12.99 8.10
CA VAL C 26 9.66 -12.82 6.69
C VAL C 26 8.17 -13.06 6.47
N LEU C 27 7.67 -14.13 7.08
CA LEU C 27 6.24 -14.44 7.04
C LEU C 27 5.40 -13.31 7.63
N GLN C 28 5.79 -12.84 8.82
CA GLN C 28 5.13 -11.71 9.48
C GLN C 28 5.06 -10.55 8.50
N LEU C 29 6.22 -10.02 8.15
CA LEU C 29 6.34 -8.88 7.24
C LEU C 29 5.56 -9.08 5.95
N GLY C 30 5.56 -10.31 5.45
CA GLY C 30 4.81 -10.67 4.25
C GLY C 30 3.33 -10.39 4.40
N ARG C 31 2.76 -10.83 5.52
CA ARG C 31 1.33 -10.66 5.76
C ARG C 31 0.98 -9.19 6.03
N ALA C 32 1.92 -8.47 6.65
CA ALA C 32 1.77 -7.03 6.79
C ALA C 32 1.63 -6.39 5.41
N LEU C 33 2.57 -6.71 4.50
CA LEU C 33 2.57 -6.17 3.15
C LEU C 33 1.27 -6.50 2.42
N THR C 34 0.80 -7.72 2.60
CA THR C 34 -0.43 -8.18 1.95
C THR C 34 -1.63 -7.35 2.41
N ALA C 35 -1.75 -7.16 3.73
CA ALA C 35 -2.79 -6.30 4.28
C ALA C 35 -2.63 -4.86 3.76
N HIS C 36 -1.39 -4.38 3.69
CA HIS C 36 -1.10 -3.07 3.13
C HIS C 36 -1.69 -2.98 1.74
N LEU C 37 -1.27 -3.91 0.89
CA LEU C 37 -1.73 -3.98 -0.48
C LEU C 37 -3.25 -4.05 -0.54
N TYR C 38 -3.84 -4.85 0.33
CA TYR C 38 -5.29 -4.96 0.41
C TYR C 38 -5.94 -3.59 0.63
N SER C 39 -5.47 -2.84 1.63
CA SER C 39 -5.95 -1.49 1.89
C SER C 39 -5.84 -0.67 0.61
N LEU C 40 -4.63 -0.66 0.05
CA LEU C 40 -4.29 0.17 -1.11
C LEU C 40 -5.34 0.02 -2.20
N LEU C 41 -5.62 -1.22 -2.61
CA LEU C 41 -6.56 -1.51 -3.69
C LEU C 41 -7.97 -1.00 -3.42
N GLN C 42 -8.39 -1.11 -2.16
CA GLN C 42 -9.74 -0.72 -1.78
C GLN C 42 -9.88 0.80 -1.93
N THR C 43 -8.82 1.51 -1.55
CA THR C 43 -8.76 2.96 -1.71
C THR C 43 -8.70 3.28 -3.19
N GLN C 44 -7.77 2.62 -3.89
CA GLN C 44 -7.61 2.78 -5.33
C GLN C 44 -8.93 2.61 -6.08
N HIS C 45 -9.72 1.62 -5.65
CA HIS C 45 -11.05 1.40 -6.21
C HIS C 45 -11.95 2.60 -5.93
N ALA C 46 -11.93 3.07 -4.68
CA ALA C 46 -12.79 4.17 -4.26
C ALA C 46 -12.40 5.48 -4.95
N LEU C 47 -11.10 5.68 -5.12
CA LEU C 47 -10.57 6.86 -5.79
C LEU C 47 -10.82 6.79 -7.30
N GLY C 48 -10.78 5.59 -7.87
CA GLY C 48 -11.12 5.40 -9.28
C GLY C 48 -12.55 5.82 -9.54
N ASP C 49 -13.45 5.37 -8.66
CA ASP C 49 -14.89 5.65 -8.77
C ASP C 49 -15.23 7.11 -8.53
N ALA C 50 -14.45 7.77 -7.65
CA ALA C 50 -14.61 9.18 -7.40
C ALA C 50 -14.15 9.98 -8.61
N PHE C 51 -12.96 9.66 -9.10
CA PHE C 51 -12.44 10.27 -10.33
C PHE C 51 -13.39 10.04 -11.48
N ALA C 52 -13.95 8.84 -11.57
CA ALA C 52 -14.88 8.49 -12.65
C ALA C 52 -16.15 9.33 -12.59
N ASP C 53 -16.73 9.46 -11.39
CA ASP C 53 -17.96 10.23 -11.21
C ASP C 53 -17.76 11.71 -11.49
N LEU C 54 -16.63 12.22 -11.03
CA LEU C 54 -16.27 13.62 -11.22
C LEU C 54 -16.05 13.91 -12.70
N SER C 55 -15.60 12.90 -13.43
CA SER C 55 -15.40 12.99 -14.88
C SER C 55 -16.73 13.12 -15.61
N GLN C 56 -17.75 12.43 -15.13
CA GLN C 56 -19.02 12.41 -15.85
C GLN C 56 -19.87 13.63 -15.57
N LYS C 57 -19.65 14.26 -14.40
CA LYS C 57 -20.43 15.43 -13.99
C LYS C 57 -19.83 16.78 -14.42
N SER C 58 -18.56 16.77 -14.78
CA SER C 58 -17.82 17.99 -15.10
C SER C 58 -17.26 18.00 -16.52
N PRO C 59 -18.06 18.43 -17.52
CA PRO C 59 -17.59 18.40 -18.91
C PRO C 59 -16.30 19.20 -19.11
N GLU C 60 -16.11 20.23 -18.29
CA GLU C 60 -14.98 21.15 -18.45
C GLU C 60 -13.63 20.55 -18.10
N LEU C 61 -13.65 19.38 -17.46
CA LEU C 61 -12.46 18.81 -16.85
C LEU C 61 -12.46 17.29 -17.04
N GLN C 62 -13.45 16.82 -17.81
CA GLN C 62 -13.79 15.41 -17.90
C GLN C 62 -12.65 14.49 -18.33
N GLU C 63 -11.87 14.90 -19.34
CA GLU C 63 -10.75 14.10 -19.80
C GLU C 63 -9.72 13.91 -18.68
N GLU C 64 -9.48 14.95 -17.90
CA GLU C 64 -8.47 14.92 -16.83
C GLU C 64 -8.81 13.93 -15.71
N PHE C 65 -10.05 13.97 -15.22
CA PHE C 65 -10.54 12.98 -14.28
C PHE C 65 -10.67 11.61 -14.96
N GLY C 66 -11.08 11.64 -16.23
CA GLY C 66 -11.37 10.43 -17.00
C GLY C 66 -10.24 9.42 -17.02
N TYR C 67 -9.09 9.85 -17.52
CA TYR C 67 -7.93 8.97 -17.65
C TYR C 67 -7.26 8.72 -16.29
N ASN C 68 -7.56 9.57 -15.31
CA ASN C 68 -7.17 9.34 -13.93
C ASN C 68 -8.01 8.24 -13.28
N ALA C 69 -9.23 8.08 -13.76
CA ALA C 69 -10.15 7.06 -13.26
C ALA C 69 -9.81 5.67 -13.81
N GLU C 70 -9.40 5.63 -15.07
CA GLU C 70 -8.91 4.40 -15.71
C GLU C 70 -7.70 3.85 -14.94
N THR C 71 -6.73 4.73 -14.73
CA THR C 71 -5.45 4.38 -14.11
C THR C 71 -5.62 3.81 -12.70
N GLN C 72 -6.48 4.42 -11.89
CA GLN C 72 -6.74 3.88 -10.55
C GLN C 72 -7.41 2.49 -10.61
N LYS C 73 -8.52 2.41 -11.35
CA LYS C 73 -9.25 1.16 -11.63
C LYS C 73 -8.34 0.02 -12.11
N LEU C 74 -7.47 0.36 -13.07
CA LEU C 74 -6.52 -0.59 -13.63
C LEU C 74 -5.55 -1.10 -12.59
N LEU C 75 -5.03 -0.17 -11.79
CA LEU C 75 -4.05 -0.48 -10.74
C LEU C 75 -4.58 -1.44 -9.67
N CYS C 76 -5.88 -1.41 -9.42
CA CYS C 76 -6.48 -2.32 -8.46
C CYS C 76 -6.66 -3.68 -9.10
N LYS C 77 -7.23 -3.69 -10.29
CA LYS C 77 -7.41 -4.92 -11.06
C LYS C 77 -6.10 -5.73 -11.03
N ASN C 78 -4.98 -5.06 -11.25
CA ASN C 78 -3.68 -5.70 -11.15
C ASN C 78 -3.25 -5.99 -9.72
N GLY C 79 -3.51 -5.03 -8.83
CA GLY C 79 -3.25 -5.21 -7.41
C GLY C 79 -3.96 -6.45 -6.90
N GLU C 80 -5.25 -6.57 -7.20
CA GLU C 80 -6.06 -7.72 -6.79
C GLU C 80 -5.46 -9.03 -7.30
N THR C 81 -4.75 -8.99 -8.43
CA THR C 81 -4.00 -10.13 -8.93
C THR C 81 -2.75 -10.39 -8.10
N LEU C 82 -1.92 -9.36 -7.90
CA LEU C 82 -0.69 -9.52 -7.10
C LEU C 82 -1.01 -9.98 -5.69
N LEU C 83 -2.06 -9.39 -5.12
CA LEU C 83 -2.52 -9.74 -3.79
C LEU C 83 -2.68 -11.26 -3.63
N GLY C 84 -3.19 -11.90 -4.67
CA GLY C 84 -3.34 -13.35 -4.69
C GLY C 84 -1.99 -14.02 -4.59
N ALA C 85 -1.10 -13.71 -5.51
CA ALA C 85 0.25 -14.26 -5.54
C ALA C 85 0.98 -14.13 -4.20
N VAL C 86 0.91 -12.93 -3.60
CA VAL C 86 1.53 -12.72 -2.29
C VAL C 86 0.93 -13.70 -1.29
N ASN C 87 -0.39 -13.80 -1.26
CA ASN C 87 -1.10 -14.74 -0.37
C ASN C 87 -0.65 -16.19 -0.53
N PHE C 88 -0.51 -16.60 -1.79
CA PHE C 88 -0.05 -17.94 -2.13
C PHE C 88 1.38 -18.14 -1.65
N PHE C 89 2.18 -17.07 -1.72
CA PHE C 89 3.53 -17.11 -1.16
C PHE C 89 3.45 -17.33 0.35
N VAL C 90 2.53 -16.61 0.99
CA VAL C 90 2.34 -16.67 2.44
C VAL C 90 2.13 -18.11 2.91
N SER C 91 1.06 -18.74 2.43
CA SER C 91 0.68 -20.08 2.89
C SER C 91 1.74 -21.16 2.60
N SER C 92 2.38 -21.08 1.44
CA SER C 92 3.42 -22.03 1.09
C SER C 92 4.55 -21.99 2.10
N ILE C 93 5.11 -20.79 2.31
CA ILE C 93 6.10 -20.53 3.34
C ILE C 93 5.58 -21.00 4.69
N ASN C 94 4.32 -20.67 4.98
CA ASN C 94 3.72 -21.07 6.25
C ASN C 94 3.77 -22.58 6.44
N THR C 95 3.47 -23.32 5.37
CA THR C 95 3.52 -24.78 5.38
C THR C 95 4.91 -25.26 5.75
N LEU C 96 5.92 -24.70 5.07
CA LEU C 96 7.31 -25.00 5.37
C LEU C 96 7.62 -24.71 6.82
N VAL C 97 7.29 -23.51 7.27
CA VAL C 97 7.57 -23.06 8.63
C VAL C 97 6.72 -23.77 9.70
N THR C 98 5.42 -23.51 9.68
CA THR C 98 4.57 -23.91 10.80
C THR C 98 4.09 -25.38 10.73
N LYS C 99 4.33 -26.05 9.60
CA LYS C 99 3.98 -27.47 9.48
C LYS C 99 5.19 -28.38 9.20
N THR C 100 5.86 -28.17 8.06
CA THR C 100 6.96 -29.04 7.65
C THR C 100 8.06 -29.14 8.71
N MET C 101 8.55 -28.01 9.18
CA MET C 101 9.65 -28.02 10.14
C MET C 101 9.17 -28.35 11.55
N GLU C 102 7.92 -28.00 11.84
CA GLU C 102 7.33 -28.35 13.12
C GLU C 102 7.34 -29.86 13.30
N ASP C 103 7.13 -30.58 12.20
CA ASP C 103 7.24 -32.04 12.17
C ASP C 103 8.62 -32.50 12.62
N THR C 104 9.67 -31.77 12.22
CA THR C 104 11.05 -32.10 12.61
C THR C 104 11.28 -31.77 14.09
N LEU C 105 10.68 -30.69 14.56
CA LEU C 105 10.82 -30.27 15.95
C LEU C 105 10.03 -31.17 16.91
N MET C 106 8.95 -31.80 16.41
CA MET C 106 8.27 -32.83 17.16
C MET C 106 9.28 -33.93 17.51
N THR C 107 10.11 -34.28 16.53
CA THR C 107 11.12 -35.32 16.66
C THR C 107 12.34 -34.86 17.44
N VAL C 108 12.75 -33.61 17.23
CA VAL C 108 13.88 -33.01 17.94
C VAL C 108 13.65 -33.08 19.45
N LYS C 109 12.42 -32.80 19.88
CA LYS C 109 12.07 -32.82 21.30
C LYS C 109 12.19 -34.22 21.89
N GLN C 110 11.67 -35.21 21.15
CA GLN C 110 11.73 -36.61 21.56
C GLN C 110 13.17 -37.11 21.64
N TYR C 111 14.01 -36.62 20.74
CA TYR C 111 15.44 -36.88 20.76
C TYR C 111 16.06 -36.42 22.07
N GLU C 112 15.66 -35.23 22.52
CA GLU C 112 16.18 -34.65 23.74
C GLU C 112 15.57 -35.33 24.98
N ALA C 113 14.30 -35.69 24.89
CA ALA C 113 13.64 -36.45 25.95
C ALA C 113 14.40 -37.75 26.24
N ALA C 114 14.82 -38.43 25.18
CA ALA C 114 15.60 -39.66 25.31
C ALA C 114 17.02 -39.40 25.82
N ARG C 115 17.56 -38.22 25.50
CA ARG C 115 18.92 -37.87 25.93
C ARG C 115 19.00 -37.62 27.43
N LEU C 116 18.13 -36.76 27.94
CA LEU C 116 18.02 -36.49 29.37
C LEU C 116 17.78 -37.78 30.16
N GLU C 117 16.95 -38.66 29.60
CA GLU C 117 16.72 -40.00 30.16
C GLU C 117 17.98 -40.86 30.14
N TYR C 118 18.76 -40.73 29.05
CA TYR C 118 20.03 -41.45 28.86
C TYR C 118 21.05 -41.07 29.93
N ASP C 119 21.04 -39.80 30.35
CA ASP C 119 22.01 -39.30 31.31
C ASP C 119 21.65 -39.58 32.77
N ALA C 120 20.36 -39.49 33.10
CA ALA C 120 19.87 -39.79 34.44
C ALA C 120 20.10 -41.27 34.81
N TYR C 121 20.04 -42.14 33.80
CA TYR C 121 20.35 -43.56 33.97
C TYR C 121 21.84 -43.86 33.85
N ARG C 122 22.59 -42.95 33.22
CA ARG C 122 24.05 -43.03 33.19
C ARG C 122 24.64 -42.70 34.56
N THR C 123 24.01 -41.75 35.25
CA THR C 123 24.42 -41.37 36.60
C THR C 123 24.27 -42.54 37.56
N ASP C 124 23.06 -43.11 37.58
CA ASP C 124 22.72 -44.23 38.48
C ASP C 124 23.76 -45.33 38.42
N LEU C 125 24.21 -45.64 37.20
CA LEU C 125 25.23 -46.66 36.98
C LEU C 125 26.54 -46.28 37.68
N GLU C 126 26.93 -45.02 37.54
CA GLU C 126 28.18 -44.53 38.10
C GLU C 126 28.12 -44.34 39.63
N GLU C 127 26.98 -43.84 40.12
CA GLU C 127 26.76 -43.72 41.56
C GLU C 127 26.84 -45.05 42.30
N LEU C 128 26.51 -46.13 41.60
CA LEU C 128 26.50 -47.46 42.20
C LEU C 128 27.83 -48.20 42.04
N SER C 129 28.52 -47.95 40.92
CA SER C 129 29.81 -48.59 40.65
C SER C 129 30.95 -48.02 41.51
N LEU C 130 30.69 -46.90 42.19
CA LEU C 130 31.65 -46.30 43.13
C LEU C 130 31.04 -46.06 44.52
N GLY C 131 30.00 -46.83 44.84
CA GLY C 131 29.38 -46.78 46.17
C GLY C 131 29.73 -48.00 46.99
N PRO C 132 29.15 -48.13 48.20
CA PRO C 132 29.39 -49.29 49.08
C PRO C 132 28.85 -50.61 48.50
N ARG C 133 29.25 -51.72 49.13
CA ARG C 133 28.87 -53.07 48.68
C ARG C 133 28.00 -53.78 49.71
N ASP C 134 27.06 -54.57 49.22
CA ASP C 134 26.20 -55.44 50.05
C ASP C 134 25.22 -56.26 49.20
N ALA C 135 24.40 -57.06 49.86
CA ALA C 135 23.22 -57.64 49.23
C ALA C 135 22.31 -56.46 48.86
N GLY C 136 22.25 -56.15 47.57
CA GLY C 136 21.68 -54.89 47.12
C GLY C 136 22.78 -53.97 46.62
N THR C 137 23.70 -54.56 45.85
CA THR C 137 24.71 -53.80 45.10
C THR C 137 25.04 -54.58 43.83
N ARG C 138 25.43 -55.84 44.00
CA ARG C 138 25.73 -56.69 42.84
C ARG C 138 24.46 -56.88 42.00
N GLY C 139 23.34 -57.18 42.67
CA GLY C 139 22.05 -57.30 42.00
C GLY C 139 21.55 -55.99 41.40
N ARG C 140 21.96 -54.87 42.00
CA ARG C 140 21.49 -53.53 41.62
C ARG C 140 22.20 -52.93 40.40
N LEU C 141 23.48 -53.19 40.26
CA LEU C 141 24.26 -52.72 39.11
C LEU C 141 23.81 -53.35 37.79
N GLU C 142 23.37 -54.60 37.86
CA GLU C 142 22.93 -55.35 36.70
C GLU C 142 21.58 -54.83 36.16
N SER C 143 20.65 -54.50 37.05
CA SER C 143 19.36 -53.92 36.65
C SER C 143 19.49 -52.43 36.31
N ALA C 144 20.65 -51.85 36.66
CA ALA C 144 20.99 -50.50 36.20
C ALA C 144 21.53 -50.58 34.78
N GLN C 145 22.35 -51.59 34.52
CA GLN C 145 22.94 -51.82 33.21
C GLN C 145 21.85 -52.00 32.16
N ALA C 146 20.88 -52.87 32.44
CA ALA C 146 19.81 -53.16 31.50
C ALA C 146 19.02 -51.89 31.16
N THR C 147 18.64 -51.12 32.18
CA THR C 147 17.89 -49.88 31.98
C THR C 147 18.74 -48.80 31.32
N PHE C 148 20.04 -48.79 31.61
CA PHE C 148 20.98 -47.88 30.94
C PHE C 148 21.06 -48.20 29.46
N GLN C 149 21.19 -49.49 29.16
CA GLN C 149 21.29 -49.98 27.79
C GLN C 149 19.98 -49.82 27.05
N ALA C 150 18.87 -49.94 27.78
CA ALA C 150 17.54 -49.77 27.22
C ALA C 150 17.41 -48.36 26.66
N HIS C 151 17.66 -47.36 27.50
CA HIS C 151 17.56 -45.97 27.09
C HIS C 151 18.65 -45.58 26.09
N ARG C 152 19.81 -46.22 26.17
CA ARG C 152 20.84 -46.07 25.15
C ARG C 152 20.23 -46.30 23.79
N ASP C 153 19.55 -47.44 23.63
CA ASP C 153 18.88 -47.81 22.38
C ASP C 153 17.86 -46.76 21.94
N LYS C 154 17.09 -46.26 22.91
CA LYS C 154 16.12 -45.21 22.64
C LYS C 154 16.82 -43.97 22.13
N TYR C 155 17.92 -43.59 22.79
CA TYR C 155 18.71 -42.43 22.40
C TYR C 155 19.37 -42.58 21.03
N GLU C 156 19.98 -43.75 20.80
CA GLU C 156 20.69 -44.02 19.55
C GLU C 156 19.77 -43.98 18.33
N LYS C 157 18.60 -44.59 18.46
CA LYS C 157 17.64 -44.65 17.37
C LYS C 157 17.12 -43.26 17.01
N LEU C 158 16.69 -42.49 18.02
CA LEU C 158 16.14 -41.16 17.79
C LEU C 158 17.18 -40.14 17.34
N ARG C 159 18.44 -40.39 17.68
CA ARG C 159 19.57 -39.61 17.15
C ARG C 159 19.68 -39.88 15.66
N GLY C 160 19.59 -41.14 15.28
CA GLY C 160 19.62 -41.54 13.88
C GLY C 160 18.47 -40.92 13.12
N ASP C 161 17.30 -40.95 13.76
CA ASP C 161 16.05 -40.43 13.18
C ASP C 161 16.06 -38.92 12.92
N VAL C 162 16.71 -38.17 13.80
CA VAL C 162 16.85 -36.73 13.60
C VAL C 162 17.69 -36.48 12.36
N ALA C 163 18.89 -37.07 12.31
CA ALA C 163 19.81 -36.91 11.19
C ALA C 163 19.12 -37.10 9.84
N ILE C 164 18.16 -38.02 9.79
CA ILE C 164 17.37 -38.29 8.60
C ILE C 164 16.42 -37.14 8.28
N LYS C 165 15.69 -36.68 9.30
CA LYS C 165 14.68 -35.63 9.15
C LYS C 165 15.25 -34.26 8.85
N LEU C 166 16.49 -34.01 9.27
CA LEU C 166 17.19 -32.79 8.92
C LEU C 166 17.70 -32.88 7.49
N LYS C 167 18.18 -34.07 7.12
CA LYS C 167 18.71 -34.34 5.79
C LYS C 167 17.60 -34.18 4.73
N PHE C 168 16.39 -34.62 5.07
CA PHE C 168 15.27 -34.49 4.15
C PHE C 168 14.57 -33.13 4.24
N LEU C 169 14.75 -32.44 5.36
CA LEU C 169 14.22 -31.09 5.53
C LEU C 169 14.99 -30.16 4.62
N GLU C 170 16.30 -30.10 4.83
CA GLU C 170 17.20 -29.20 4.11
C GLU C 170 16.98 -29.24 2.60
N GLU C 171 16.81 -30.44 2.04
CA GLU C 171 16.50 -30.61 0.62
C GLU C 171 15.17 -29.93 0.26
N ASN C 172 14.10 -30.38 0.91
CA ASN C 172 12.76 -29.86 0.69
C ASN C 172 12.67 -28.37 0.99
N LYS C 173 13.38 -27.94 2.03
CA LYS C 173 13.41 -26.53 2.39
C LYS C 173 13.91 -25.70 1.22
N ILE C 174 15.01 -26.16 0.61
CA ILE C 174 15.60 -25.44 -0.51
C ILE C 174 14.67 -25.42 -1.73
N LYS C 175 14.00 -26.54 -2.00
CA LYS C 175 13.01 -26.59 -3.09
C LYS C 175 11.93 -25.51 -2.93
N VAL C 176 11.13 -25.65 -1.88
CA VAL C 176 10.07 -24.70 -1.56
C VAL C 176 10.59 -23.26 -1.62
N MET C 177 11.68 -23.00 -0.88
CA MET C 177 12.28 -21.66 -0.84
C MET C 177 12.59 -21.10 -2.21
N HIS C 178 13.26 -21.91 -3.03
CA HIS C 178 13.58 -21.54 -4.40
C HIS C 178 12.30 -21.16 -5.13
N LYS C 179 11.36 -22.10 -5.18
CA LYS C 179 10.12 -21.93 -5.92
C LYS C 179 9.27 -20.77 -5.43
N GLN C 180 9.31 -20.50 -4.13
CA GLN C 180 8.53 -19.41 -3.58
C GLN C 180 9.21 -18.06 -3.79
N LEU C 181 10.49 -17.96 -3.42
CA LEU C 181 11.26 -16.75 -3.65
C LEU C 181 11.31 -16.38 -5.12
N LEU C 182 11.06 -17.37 -5.98
CA LEU C 182 10.97 -17.13 -7.41
C LEU C 182 9.58 -16.63 -7.82
N LEU C 183 8.54 -17.35 -7.42
CA LEU C 183 7.17 -16.95 -7.73
C LEU C 183 6.79 -15.67 -6.99
N PHE C 184 7.55 -15.32 -5.96
CA PHE C 184 7.39 -14.04 -5.29
C PHE C 184 7.90 -12.94 -6.21
N HIS C 185 9.16 -13.02 -6.60
CA HIS C 185 9.79 -12.01 -7.44
C HIS C 185 9.08 -11.80 -8.78
N ASN C 186 8.77 -12.90 -9.46
CA ASN C 186 8.05 -12.85 -10.71
C ASN C 186 6.70 -12.17 -10.58
N ALA C 187 6.04 -12.35 -9.44
CA ALA C 187 4.75 -11.72 -9.22
C ALA C 187 4.88 -10.21 -9.08
N VAL C 188 5.97 -9.76 -8.45
CA VAL C 188 6.19 -8.33 -8.26
C VAL C 188 6.40 -7.67 -9.63
N SER C 189 7.32 -8.20 -10.41
CA SER C 189 7.61 -7.72 -11.76
C SER C 189 6.41 -7.82 -12.72
N ALA C 190 5.63 -8.89 -12.63
CA ALA C 190 4.41 -9.03 -13.44
C ALA C 190 3.43 -7.91 -13.16
N TYR C 191 3.41 -7.46 -11.91
CA TYR C 191 2.52 -6.41 -11.46
C TYR C 191 2.85 -5.10 -12.17
N PHE C 192 4.13 -4.78 -12.23
CA PHE C 192 4.58 -3.57 -12.93
C PHE C 192 4.41 -3.72 -14.44
N ALA C 193 4.71 -4.92 -14.95
CA ALA C 193 4.50 -5.28 -16.36
C ALA C 193 3.10 -4.92 -16.88
N GLY C 194 2.10 -4.96 -16.00
CA GLY C 194 0.75 -4.54 -16.36
C GLY C 194 0.46 -3.10 -15.98
N ARG D 3 -35.51 37.26 -11.32
CA ARG D 3 -35.78 35.89 -10.78
C ARG D 3 -34.76 34.88 -11.31
N THR D 4 -34.69 34.72 -12.63
CA THR D 4 -33.77 33.78 -13.28
C THR D 4 -32.30 34.18 -13.15
N VAL D 5 -32.06 35.45 -12.83
CA VAL D 5 -30.71 35.97 -12.59
C VAL D 5 -30.30 35.68 -11.14
N ASP D 6 -31.30 35.61 -10.26
CA ASP D 6 -31.10 35.25 -8.86
C ASP D 6 -30.95 33.74 -8.69
N LEU D 7 -31.90 32.98 -9.21
CA LEU D 7 -31.89 31.52 -9.12
C LEU D 7 -30.68 30.92 -9.84
N GLU D 8 -30.29 31.55 -10.94
CA GLU D 8 -29.10 31.18 -11.70
C GLU D 8 -27.85 31.26 -10.83
N LEU D 9 -27.88 32.17 -9.87
CA LEU D 9 -26.80 32.33 -8.92
C LEU D 9 -26.86 31.23 -7.87
N GLU D 10 -28.03 31.05 -7.25
CA GLU D 10 -28.21 29.99 -6.25
C GLU D 10 -27.79 28.62 -6.77
N LEU D 11 -28.11 28.36 -8.03
CA LEU D 11 -27.70 27.13 -8.70
C LEU D 11 -26.17 27.05 -8.68
N GLN D 12 -25.51 28.10 -9.15
CA GLN D 12 -24.05 28.16 -9.19
C GLN D 12 -23.43 27.91 -7.82
N ILE D 13 -24.09 28.40 -6.77
CA ILE D 13 -23.66 28.15 -5.40
C ILE D 13 -23.83 26.67 -5.05
N GLU D 14 -24.97 26.10 -5.45
CA GLU D 14 -25.22 24.69 -5.20
C GLU D 14 -24.17 23.79 -5.85
N LEU D 15 -23.78 24.11 -7.08
CA LEU D 15 -22.71 23.39 -7.78
C LEU D 15 -21.41 23.46 -7.01
N LEU D 16 -21.06 24.66 -6.53
CA LEU D 16 -19.82 24.86 -5.81
C LEU D 16 -19.84 24.09 -4.49
N ARG D 17 -20.95 24.19 -3.77
CA ARG D 17 -21.16 23.45 -2.53
C ARG D 17 -21.08 21.95 -2.77
N GLU D 18 -21.66 21.51 -3.89
CA GLU D 18 -21.59 20.11 -4.28
C GLU D 18 -20.15 19.72 -4.63
N THR D 19 -19.50 20.52 -5.47
CA THR D 19 -18.13 20.20 -5.92
C THR D 19 -17.07 20.34 -4.82
N LYS D 20 -17.33 21.16 -3.80
CA LYS D 20 -16.38 21.23 -2.67
C LYS D 20 -16.33 19.89 -1.95
N ARG D 21 -17.49 19.38 -1.57
CA ARG D 21 -17.59 18.10 -0.86
C ARG D 21 -16.90 16.97 -1.63
N LYS D 22 -17.04 16.98 -2.95
CA LYS D 22 -16.41 15.97 -3.79
C LYS D 22 -14.89 16.14 -3.92
N TYR D 23 -14.41 17.36 -3.76
CA TYR D 23 -12.98 17.62 -3.79
C TYR D 23 -12.36 17.23 -2.45
N GLU D 24 -13.17 17.29 -1.40
CA GLU D 24 -12.75 16.83 -0.08
C GLU D 24 -12.69 15.31 0.01
N SER D 25 -13.59 14.61 -0.67
CA SER D 25 -13.52 13.15 -0.65
C SER D 25 -12.25 12.69 -1.37
N VAL D 26 -12.05 13.18 -2.59
CA VAL D 26 -10.82 12.91 -3.34
C VAL D 26 -9.61 13.23 -2.45
N LEU D 27 -9.73 14.27 -1.65
CA LEU D 27 -8.69 14.67 -0.72
C LEU D 27 -8.50 13.67 0.42
N GLN D 28 -9.60 13.27 1.09
CA GLN D 28 -9.53 12.23 2.14
C GLN D 28 -8.75 11.04 1.59
N LEU D 29 -9.26 10.48 0.50
CA LEU D 29 -8.72 9.27 -0.09
C LEU D 29 -7.27 9.48 -0.52
N GLY D 30 -6.98 10.68 -1.03
CA GLY D 30 -5.62 11.03 -1.43
C GLY D 30 -4.65 10.89 -0.27
N ARG D 31 -5.03 11.43 0.88
CA ARG D 31 -4.15 11.38 2.04
C ARG D 31 -4.12 9.96 2.64
N ALA D 32 -5.25 9.27 2.55
CA ALA D 32 -5.31 7.87 2.95
C ALA D 32 -4.30 7.06 2.14
N LEU D 33 -4.29 7.28 0.82
CA LEU D 33 -3.36 6.60 -0.07
C LEU D 33 -1.90 6.95 0.23
N THR D 34 -1.63 8.17 0.69
CA THR D 34 -0.26 8.54 1.02
C THR D 34 0.18 7.89 2.33
N ALA D 35 -0.73 7.80 3.29
CA ALA D 35 -0.42 7.14 4.54
C ALA D 35 -0.23 5.64 4.29
N HIS D 36 -1.12 5.08 3.46
CA HIS D 36 -1.03 3.70 3.04
C HIS D 36 0.35 3.41 2.44
N LEU D 37 0.69 4.14 1.39
CA LEU D 37 1.97 4.02 0.71
C LEU D 37 3.13 4.13 1.70
N TYR D 38 3.11 5.16 2.54
CA TYR D 38 4.11 5.34 3.58
C TYR D 38 4.37 4.04 4.35
N SER D 39 3.31 3.43 4.87
CA SER D 39 3.38 2.11 5.50
C SER D 39 4.05 1.12 4.55
N LEU D 40 3.42 0.92 3.38
CA LEU D 40 3.87 -0.07 2.40
C LEU D 40 5.36 0.10 2.15
N LEU D 41 5.81 1.34 2.26
CA LEU D 41 7.19 1.68 2.04
C LEU D 41 8.07 1.23 3.21
N GLN D 42 7.65 1.59 4.42
CA GLN D 42 8.40 1.24 5.64
C GLN D 42 8.64 -0.26 5.69
N THR D 43 7.59 -1.03 5.43
CA THR D 43 7.68 -2.49 5.41
C THR D 43 8.63 -2.98 4.32
N GLN D 44 8.60 -2.35 3.16
CA GLN D 44 9.52 -2.72 2.09
C GLN D 44 10.98 -2.49 2.48
N HIS D 45 11.24 -1.52 3.34
CA HIS D 45 12.58 -1.34 3.94
C HIS D 45 12.91 -2.56 4.77
N ALA D 46 12.01 -2.89 5.70
CA ALA D 46 12.20 -3.99 6.63
C ALA D 46 12.35 -5.34 5.91
N LEU D 47 11.44 -5.62 4.97
CA LEU D 47 11.48 -6.83 4.16
C LEU D 47 12.74 -6.87 3.30
N GLY D 48 13.15 -5.69 2.81
CA GLY D 48 14.42 -5.52 2.12
C GLY D 48 15.53 -6.05 3.00
N ASP D 49 15.78 -5.36 4.11
CA ASP D 49 16.85 -5.72 5.04
C ASP D 49 16.80 -7.17 5.51
N ALA D 50 15.61 -7.61 5.94
CA ALA D 50 15.40 -9.02 6.31
C ALA D 50 15.97 -9.96 5.25
N PHE D 51 15.57 -9.77 3.99
CA PHE D 51 16.01 -10.63 2.88
C PHE D 51 17.54 -10.69 2.76
N ALA D 52 18.17 -9.51 2.74
CA ALA D 52 19.62 -9.38 2.62
C ALA D 52 20.37 -10.21 3.66
N ASP D 53 19.91 -10.14 4.90
CA ASP D 53 20.49 -10.90 5.99
C ASP D 53 20.49 -12.40 5.67
N LEU D 54 19.36 -12.89 5.15
CA LEU D 54 19.24 -14.29 4.74
C LEU D 54 20.11 -14.61 3.54
N SER D 55 20.27 -13.62 2.65
CA SER D 55 21.11 -13.77 1.46
C SER D 55 22.55 -14.04 1.86
N GLN D 56 23.11 -13.15 2.68
CA GLN D 56 24.51 -13.23 3.08
C GLN D 56 24.80 -14.42 4.02
N LYS D 57 24.02 -14.53 5.10
CA LYS D 57 24.26 -15.55 6.14
C LYS D 57 23.93 -16.98 5.73
N SER D 58 23.16 -17.16 4.65
CA SER D 58 22.82 -18.50 4.15
C SER D 58 22.97 -18.62 2.63
N PRO D 59 24.23 -18.71 2.13
CA PRO D 59 24.47 -18.95 0.70
C PRO D 59 24.24 -20.40 0.27
N GLU D 60 23.28 -21.05 0.93
CA GLU D 60 22.57 -22.17 0.34
C GLU D 60 21.70 -21.59 -0.79
N LEU D 61 21.20 -20.37 -0.53
CA LEU D 61 20.23 -19.67 -1.37
C LEU D 61 20.55 -18.17 -1.47
N GLN D 62 21.80 -17.80 -1.74
CA GLN D 62 22.18 -16.38 -1.70
C GLN D 62 21.52 -15.54 -2.79
N GLU D 63 21.51 -16.05 -4.01
CA GLU D 63 20.94 -15.31 -5.13
C GLU D 63 19.41 -15.19 -5.05
N GLU D 64 18.74 -16.31 -4.75
CA GLU D 64 17.28 -16.30 -4.54
C GLU D 64 16.89 -15.21 -3.56
N PHE D 65 17.63 -15.13 -2.45
CA PHE D 65 17.41 -14.09 -1.45
C PHE D 65 18.01 -12.76 -1.88
N GLY D 66 19.01 -12.82 -2.77
CA GLY D 66 19.74 -11.63 -3.19
C GLY D 66 18.90 -10.62 -3.94
N TYR D 67 18.36 -11.05 -5.08
CA TYR D 67 17.66 -10.15 -6.00
C TYR D 67 16.27 -9.74 -5.53
N ASN D 68 15.75 -10.41 -4.51
CA ASN D 68 14.54 -9.97 -3.84
C ASN D 68 14.83 -8.74 -2.98
N ALA D 69 15.87 -8.83 -2.16
CA ALA D 69 16.29 -7.68 -1.35
C ALA D 69 16.63 -6.46 -2.22
N GLU D 70 17.17 -6.70 -3.41
CA GLU D 70 17.41 -5.62 -4.37
C GLU D 70 16.12 -4.91 -4.74
N THR D 71 15.11 -5.71 -5.10
CA THR D 71 13.80 -5.21 -5.55
C THR D 71 13.07 -4.48 -4.42
N GLN D 72 13.04 -5.10 -3.24
CA GLN D 72 12.41 -4.51 -2.07
C GLN D 72 13.05 -3.17 -1.71
N LYS D 73 14.38 -3.10 -1.87
CA LYS D 73 15.11 -1.86 -1.63
C LYS D 73 14.87 -0.81 -2.73
N LEU D 74 14.73 -1.28 -3.97
CA LEU D 74 14.49 -0.39 -5.11
C LEU D 74 13.10 0.21 -5.02
N LEU D 75 12.13 -0.61 -4.61
CA LEU D 75 10.75 -0.19 -4.44
C LEU D 75 10.56 0.87 -3.35
N CYS D 76 11.44 0.84 -2.34
CA CYS D 76 11.42 1.81 -1.25
C CYS D 76 11.68 3.23 -1.73
N LYS D 77 12.84 3.44 -2.36
CA LYS D 77 13.24 4.77 -2.79
C LYS D 77 12.30 5.34 -3.86
N ASN D 78 11.74 4.46 -4.69
CA ASN D 78 10.77 4.88 -5.69
C ASN D 78 9.48 5.36 -5.05
N GLY D 79 8.93 4.54 -4.16
CA GLY D 79 7.76 4.90 -3.35
C GLY D 79 8.02 6.17 -2.57
N GLU D 80 9.27 6.34 -2.14
CA GLU D 80 9.72 7.53 -1.46
C GLU D 80 9.57 8.76 -2.36
N THR D 81 9.96 8.64 -3.63
CA THR D 81 9.78 9.74 -4.58
C THR D 81 8.29 9.98 -4.82
N LEU D 82 7.54 8.90 -5.06
CA LEU D 82 6.10 8.99 -5.34
C LEU D 82 5.31 9.59 -4.19
N LEU D 83 5.76 9.33 -2.97
CA LEU D 83 5.08 9.85 -1.78
C LEU D 83 5.13 11.37 -1.76
N GLY D 84 6.28 11.92 -2.12
CA GLY D 84 6.47 13.36 -2.22
C GLY D 84 5.51 14.00 -3.19
N ALA D 85 5.29 13.33 -4.32
CA ALA D 85 4.37 13.82 -5.33
C ALA D 85 2.91 13.78 -4.83
N VAL D 86 2.52 12.67 -4.19
CA VAL D 86 1.14 12.54 -3.70
C VAL D 86 0.88 13.62 -2.66
N ASN D 87 1.84 13.79 -1.75
CA ASN D 87 1.76 14.85 -0.75
C ASN D 87 1.64 16.23 -1.39
N PHE D 88 2.52 16.53 -2.33
CA PHE D 88 2.44 17.78 -3.10
C PHE D 88 1.04 18.00 -3.66
N PHE D 89 0.44 16.93 -4.18
CA PHE D 89 -0.93 16.94 -4.64
C PHE D 89 -1.88 17.25 -3.49
N VAL D 90 -1.73 16.56 -2.36
CA VAL D 90 -2.59 16.80 -1.21
C VAL D 90 -2.53 18.28 -0.81
N SER D 91 -1.32 18.81 -0.63
CA SER D 91 -1.14 20.20 -0.22
C SER D 91 -1.82 21.21 -1.13
N SER D 92 -1.65 21.00 -2.43
CA SER D 92 -2.18 21.93 -3.43
C SER D 92 -3.70 21.86 -3.51
N ILE D 93 -4.26 20.67 -3.36
CA ILE D 93 -5.72 20.51 -3.38
C ILE D 93 -6.30 21.14 -2.10
N ASN D 94 -5.63 20.93 -0.97
CA ASN D 94 -5.97 21.58 0.28
C ASN D 94 -6.08 23.08 0.12
N THR D 95 -5.16 23.67 -0.64
CA THR D 95 -5.20 25.11 -0.91
C THR D 95 -6.46 25.49 -1.69
N LEU D 96 -6.75 24.76 -2.77
CA LEU D 96 -7.92 25.03 -3.58
C LEU D 96 -9.20 24.92 -2.76
N VAL D 97 -9.36 23.80 -2.07
CA VAL D 97 -10.58 23.47 -1.36
C VAL D 97 -10.75 24.23 -0.04
N THR D 98 -9.67 24.40 0.70
CA THR D 98 -9.77 24.91 2.07
C THR D 98 -9.20 26.33 2.21
N LYS D 99 -8.75 26.91 1.11
CA LYS D 99 -8.42 28.34 1.09
C LYS D 99 -9.11 29.08 -0.04
N THR D 100 -8.96 28.59 -1.28
CA THR D 100 -9.55 29.28 -2.42
C THR D 100 -11.09 29.18 -2.43
N MET D 101 -11.61 27.96 -2.29
CA MET D 101 -13.04 27.71 -2.25
C MET D 101 -13.70 28.53 -1.16
N GLU D 102 -13.16 28.43 0.05
CA GLU D 102 -13.71 29.09 1.23
C GLU D 102 -13.78 30.60 1.06
N ASP D 103 -12.76 31.18 0.47
CA ASP D 103 -12.71 32.61 0.22
C ASP D 103 -13.97 33.09 -0.50
N THR D 104 -14.41 32.31 -1.49
CA THR D 104 -15.60 32.62 -2.27
C THR D 104 -16.84 32.37 -1.44
N LEU D 105 -16.80 31.34 -0.61
CA LEU D 105 -17.90 31.02 0.29
C LEU D 105 -18.14 32.11 1.35
N MET D 106 -17.07 32.73 1.84
CA MET D 106 -17.19 33.84 2.79
C MET D 106 -17.90 35.05 2.18
N THR D 107 -17.84 35.16 0.86
CA THR D 107 -18.59 36.18 0.15
C THR D 107 -20.04 35.71 0.00
N VAL D 108 -20.21 34.43 -0.34
CA VAL D 108 -21.53 33.81 -0.46
C VAL D 108 -22.38 34.01 0.81
N LYS D 109 -21.75 33.82 1.98
CA LYS D 109 -22.39 34.10 3.27
C LYS D 109 -22.91 35.53 3.34
N GLN D 110 -22.04 36.49 3.03
CA GLN D 110 -22.34 37.92 3.16
C GLN D 110 -23.40 38.36 2.15
N TYR D 111 -23.45 37.65 1.03
CA TYR D 111 -24.46 37.90 0.01
C TYR D 111 -25.81 37.43 0.54
N GLU D 112 -25.79 36.28 1.22
CA GLU D 112 -26.99 35.68 1.77
C GLU D 112 -27.52 36.52 2.93
N ALA D 113 -26.62 37.08 3.73
CA ALA D 113 -26.98 37.95 4.85
C ALA D 113 -27.52 39.30 4.38
N ALA D 114 -26.93 39.85 3.33
CA ALA D 114 -27.40 41.11 2.73
C ALA D 114 -28.77 40.94 2.09
N ARG D 115 -29.03 39.74 1.57
CA ARG D 115 -30.33 39.40 1.05
C ARG D 115 -31.38 39.44 2.16
N LEU D 116 -31.00 38.90 3.32
CA LEU D 116 -31.85 38.85 4.50
C LEU D 116 -32.31 40.24 4.96
N GLU D 117 -31.40 41.20 4.97
CA GLU D 117 -31.76 42.57 5.35
C GLU D 117 -32.57 43.27 4.24
N TYR D 118 -32.23 42.96 2.99
CA TYR D 118 -32.94 43.52 1.84
C TYR D 118 -34.43 43.19 1.91
N ASP D 119 -34.75 41.91 2.13
CA ASP D 119 -36.12 41.44 2.19
C ASP D 119 -36.86 41.94 3.44
N ALA D 120 -36.14 42.03 4.55
CA ALA D 120 -36.70 42.50 5.81
C ALA D 120 -37.18 43.94 5.67
N TYR D 121 -36.30 44.82 5.20
CA TYR D 121 -36.65 46.22 5.00
C TYR D 121 -37.66 46.41 3.87
N ARG D 122 -37.68 45.47 2.93
CA ARG D 122 -38.70 45.44 1.87
C ARG D 122 -40.06 45.07 2.43
N THR D 123 -40.09 44.02 3.26
CA THR D 123 -41.28 43.62 4.02
C THR D 123 -41.87 44.82 4.76
N ASP D 124 -40.99 45.58 5.42
CA ASP D 124 -41.38 46.69 6.27
C ASP D 124 -42.04 47.84 5.51
N LEU D 125 -41.42 48.25 4.40
CA LEU D 125 -41.91 49.36 3.59
C LEU D 125 -43.33 49.10 3.08
N GLU D 126 -43.59 47.87 2.65
CA GLU D 126 -44.90 47.51 2.12
C GLU D 126 -45.96 47.30 3.20
N GLU D 127 -45.52 47.02 4.43
CA GLU D 127 -46.45 46.96 5.56
C GLU D 127 -46.91 48.35 5.98
N LEU D 128 -45.99 49.31 6.00
CA LEU D 128 -46.33 50.71 6.27
C LEU D 128 -47.11 51.31 5.10
N SER D 129 -47.06 50.63 3.96
CA SER D 129 -47.86 51.01 2.78
C SER D 129 -49.27 50.46 2.89
N LEU D 130 -49.39 49.20 3.29
CA LEU D 130 -50.70 48.55 3.46
C LEU D 130 -51.35 48.82 4.83
N GLY D 131 -50.54 49.23 5.80
CA GLY D 131 -51.00 49.42 7.18
C GLY D 131 -51.83 50.68 7.42
N PRO D 132 -52.35 50.83 8.66
CA PRO D 132 -53.15 51.99 9.11
C PRO D 132 -52.53 53.36 8.81
N ARG D 133 -53.32 54.42 8.97
CA ARG D 133 -52.88 55.78 8.65
C ARG D 133 -53.06 56.75 9.83
N ASP D 134 -52.11 57.68 9.96
CA ASP D 134 -52.20 58.78 10.94
C ASP D 134 -51.27 59.96 10.59
N ALA D 135 -51.15 60.92 11.51
CA ALA D 135 -50.26 62.07 11.34
C ALA D 135 -48.87 61.75 11.88
N GLY D 136 -48.22 60.78 11.23
CA GLY D 136 -46.88 60.33 11.61
C GLY D 136 -46.37 59.20 10.73
N THR D 137 -47.28 58.59 9.96
CA THR D 137 -46.97 57.51 9.03
C THR D 137 -46.00 57.97 7.93
N ARG D 138 -46.23 59.17 7.40
CA ARG D 138 -45.38 59.74 6.34
C ARG D 138 -43.95 59.95 6.80
N GLY D 139 -43.80 60.34 8.07
CA GLY D 139 -42.48 60.49 8.69
C GLY D 139 -41.61 59.25 8.50
N ARG D 140 -42.15 58.09 8.87
CA ARG D 140 -41.41 56.83 8.83
C ARG D 140 -41.51 56.11 7.48
N LEU D 141 -42.37 56.62 6.60
CA LEU D 141 -42.48 56.10 5.23
C LEU D 141 -41.21 56.47 4.46
N GLU D 142 -40.82 57.73 4.53
CA GLU D 142 -39.58 58.20 3.89
C GLU D 142 -38.35 57.59 4.56
N SER D 143 -38.48 57.25 5.85
CA SER D 143 -37.45 56.51 6.58
C SER D 143 -37.30 55.11 5.99
N ALA D 144 -38.41 54.38 5.92
CA ALA D 144 -38.46 53.02 5.35
C ALA D 144 -38.01 52.97 3.89
N GLN D 145 -38.24 54.05 3.15
CA GLN D 145 -37.80 54.16 1.77
C GLN D 145 -36.27 54.16 1.67
N ALA D 146 -35.64 55.16 2.29
CA ALA D 146 -34.18 55.33 2.23
C ALA D 146 -33.44 54.09 2.74
N THR D 147 -34.00 53.45 3.77
CA THR D 147 -33.39 52.25 4.34
C THR D 147 -33.68 50.98 3.53
N PHE D 148 -34.67 51.02 2.64
CA PHE D 148 -34.85 49.94 1.68
C PHE D 148 -33.95 50.19 0.48
N GLN D 149 -33.94 51.44 0.02
CA GLN D 149 -33.10 51.87 -1.09
C GLN D 149 -31.64 51.48 -0.82
N ALA D 150 -31.21 51.60 0.42
CA ALA D 150 -29.84 51.30 0.84
C ALA D 150 -29.56 49.80 0.84
N HIS D 151 -30.39 49.05 1.56
CA HIS D 151 -30.20 47.60 1.65
C HIS D 151 -30.39 46.89 0.32
N ARG D 152 -31.10 47.54 -0.62
CA ARG D 152 -31.13 47.08 -2.01
C ARG D 152 -29.73 47.17 -2.59
N ASP D 153 -29.15 48.38 -2.53
CA ASP D 153 -27.80 48.62 -3.04
C ASP D 153 -26.77 47.72 -2.37
N LYS D 154 -26.96 47.48 -1.07
CA LYS D 154 -26.12 46.56 -0.32
C LYS D 154 -26.15 45.17 -0.95
N TYR D 155 -27.36 44.68 -1.23
CA TYR D 155 -27.56 43.39 -1.88
C TYR D 155 -27.02 43.42 -3.31
N GLU D 156 -27.30 44.50 -4.01
CA GLU D 156 -26.88 44.69 -5.39
C GLU D 156 -25.37 44.57 -5.51
N LYS D 157 -24.67 45.27 -4.61
CA LYS D 157 -23.20 45.29 -4.57
C LYS D 157 -22.62 43.90 -4.34
N LEU D 158 -23.26 43.12 -3.46
CA LEU D 158 -22.74 41.81 -3.11
C LEU D 158 -23.14 40.72 -4.11
N ARG D 159 -24.29 40.90 -4.75
CA ARG D 159 -24.70 40.02 -5.84
C ARG D 159 -23.72 40.18 -7.00
N GLY D 160 -23.17 41.39 -7.13
CA GLY D 160 -22.11 41.66 -8.08
C GLY D 160 -20.87 40.87 -7.71
N ASP D 161 -20.45 41.01 -6.45
CA ASP D 161 -19.23 40.39 -5.93
C ASP D 161 -19.19 38.88 -6.09
N VAL D 162 -20.23 38.21 -5.60
CA VAL D 162 -20.32 36.75 -5.70
C VAL D 162 -20.17 36.33 -7.16
N ALA D 163 -20.98 36.93 -8.03
CA ALA D 163 -20.92 36.67 -9.47
C ALA D 163 -19.50 36.60 -9.99
N ILE D 164 -18.72 37.64 -9.70
CA ILE D 164 -17.33 37.77 -10.15
C ILE D 164 -16.46 36.68 -9.53
N LYS D 165 -16.56 36.52 -8.22
CA LYS D 165 -15.73 35.55 -7.53
C LYS D 165 -15.91 34.16 -8.11
N LEU D 166 -17.15 33.83 -8.46
CA LEU D 166 -17.47 32.53 -9.04
C LEU D 166 -16.84 32.34 -10.41
N LYS D 167 -16.84 33.40 -11.22
CA LYS D 167 -16.22 33.39 -12.54
C LYS D 167 -14.70 33.31 -12.43
N PHE D 168 -14.14 34.09 -11.50
CA PHE D 168 -12.72 34.05 -11.21
C PHE D 168 -12.33 32.74 -10.54
N LEU D 169 -13.29 32.13 -9.86
CA LEU D 169 -13.06 30.88 -9.19
C LEU D 169 -13.04 29.76 -10.20
N GLU D 170 -14.01 29.76 -11.11
CA GLU D 170 -14.13 28.72 -12.11
C GLU D 170 -12.83 28.71 -12.90
N GLU D 171 -12.36 29.90 -13.25
CA GLU D 171 -11.16 30.06 -14.02
C GLU D 171 -9.94 29.46 -13.32
N ASN D 172 -9.77 29.77 -12.04
CA ASN D 172 -8.66 29.22 -11.25
C ASN D 172 -8.75 27.73 -11.06
N LYS D 173 -9.93 27.27 -10.65
CA LYS D 173 -10.18 25.87 -10.33
C LYS D 173 -9.84 24.95 -11.50
N ILE D 174 -10.25 25.34 -12.70
CA ILE D 174 -9.87 24.63 -13.94
C ILE D 174 -8.35 24.51 -14.05
N LYS D 175 -7.66 25.65 -13.96
CA LYS D 175 -6.21 25.68 -14.14
C LYS D 175 -5.50 24.78 -13.13
N VAL D 176 -5.95 24.85 -11.88
CA VAL D 176 -5.34 24.10 -10.80
C VAL D 176 -5.62 22.61 -10.96
N MET D 177 -6.90 22.26 -11.02
CA MET D 177 -7.34 20.88 -11.15
C MET D 177 -6.59 20.16 -12.27
N HIS D 178 -6.55 20.79 -13.44
CA HIS D 178 -5.84 20.26 -14.60
C HIS D 178 -4.40 19.89 -14.27
N LYS D 179 -3.62 20.91 -13.90
CA LYS D 179 -2.21 20.74 -13.64
C LYS D 179 -1.96 19.78 -12.50
N GLN D 180 -2.79 19.86 -11.46
CA GLN D 180 -2.67 18.99 -10.29
C GLN D 180 -3.01 17.55 -10.61
N LEU D 181 -3.94 17.34 -11.54
CA LEU D 181 -4.37 16.00 -11.89
C LEU D 181 -3.37 15.29 -12.78
N LEU D 182 -2.75 16.01 -13.70
CA LEU D 182 -1.76 15.38 -14.57
C LEU D 182 -0.43 15.15 -13.86
N LEU D 183 -0.06 16.06 -12.94
CA LEU D 183 1.13 15.84 -12.12
C LEU D 183 0.97 14.61 -11.22
N PHE D 184 -0.24 14.42 -10.70
CA PHE D 184 -0.61 13.23 -9.97
C PHE D 184 -0.46 11.99 -10.88
N HIS D 185 -1.03 12.06 -12.08
CA HIS D 185 -0.95 10.97 -13.04
C HIS D 185 0.49 10.70 -13.50
N ASN D 186 1.17 11.73 -14.01
CA ASN D 186 2.55 11.61 -14.41
C ASN D 186 3.42 10.97 -13.34
N ALA D 187 3.12 11.28 -12.08
CA ALA D 187 3.87 10.71 -10.95
C ALA D 187 3.66 9.21 -10.85
N VAL D 188 2.43 8.77 -11.05
CA VAL D 188 2.10 7.34 -11.05
C VAL D 188 2.85 6.63 -12.19
N SER D 189 2.89 7.26 -13.36
CA SER D 189 3.67 6.75 -14.49
C SER D 189 5.12 6.52 -14.09
N ALA D 190 5.84 7.62 -13.83
CA ALA D 190 7.27 7.60 -13.51
C ALA D 190 7.64 6.59 -12.42
N TYR D 191 6.65 6.20 -11.61
CA TYR D 191 6.84 5.21 -10.55
C TYR D 191 7.02 3.80 -11.12
N PHE D 192 6.04 3.35 -11.90
CA PHE D 192 6.09 2.02 -12.50
C PHE D 192 7.19 1.94 -13.55
N ALA D 193 7.34 3.01 -14.33
CA ALA D 193 8.41 3.13 -15.32
C ALA D 193 9.79 3.22 -14.66
N GLY D 194 9.88 3.96 -13.55
CA GLY D 194 11.10 4.03 -12.75
C GLY D 194 11.49 2.69 -12.16
N ASN D 195 10.50 1.82 -11.98
CA ASN D 195 10.71 0.44 -11.54
C ASN D 195 10.89 -0.55 -12.71
N GLN D 196 10.22 -0.27 -13.83
CA GLN D 196 10.31 -1.06 -15.07
C GLN D 196 11.73 -1.06 -15.63
N LYS D 197 12.39 0.09 -15.51
CA LYS D 197 13.79 0.29 -15.91
C LYS D 197 14.75 -0.58 -15.09
N GLN D 198 14.26 -1.15 -13.99
CA GLN D 198 15.08 -2.03 -13.17
C GLN D 198 14.33 -3.29 -12.75
#